data_7JT9
# 
_entry.id   7JT9 
# 
_audit_conform.dict_name       mmcif_pdbx.dic 
_audit_conform.dict_version    5.380 
_audit_conform.dict_location   http://mmcif.pdb.org/dictionaries/ascii/mmcif_pdbx.dic 
# 
loop_
_database_2.database_id 
_database_2.database_code 
_database_2.pdbx_database_accession 
_database_2.pdbx_DOI 
PDB   7JT9         pdb_00007jt9 10.2210/pdb7jt9/pdb 
WWPDB D_1000251303 ?            ?                   
# 
_pdbx_database_status.status_code                     REL 
_pdbx_database_status.status_code_sf                  REL 
_pdbx_database_status.status_code_mr                  ? 
_pdbx_database_status.entry_id                        7JT9 
_pdbx_database_status.recvd_initial_deposition_date   2020-08-17 
_pdbx_database_status.SG_entry                        N 
_pdbx_database_status.deposit_site                    RCSB 
_pdbx_database_status.process_site                    RCSB 
_pdbx_database_status.status_code_cs                  ? 
_pdbx_database_status.status_code_nmr_data            ? 
_pdbx_database_status.methods_development_category    ? 
_pdbx_database_status.pdb_format_compatible           Y 
# 
loop_
_audit_author.name 
_audit_author.pdbx_ordinal 
_audit_author.identifier_ORCID 
'Perez, I.'      1 0000-0002-0482-8679 
'Berndt, S.'     2 0000-0002-9732-9413 
'Gurevich, V.V.' 3 0000-0002-3950-5351 
'Iverson, T.M.'  4 ?                   
# 
_citation.abstract                  ? 
_citation.abstract_id_CAS           ? 
_citation.book_id_ISBN              ? 
_citation.book_publisher            ? 
_citation.book_publisher_city       ? 
_citation.book_title                ? 
_citation.coordinate_linkage        ? 
_citation.country                   UK 
_citation.database_id_Medline       ? 
_citation.details                   ? 
_citation.id                        primary 
_citation.journal_abbrev            J.Mol.Biol. 
_citation.journal_id_ASTM           JMOBAK 
_citation.journal_id_CSD            0070 
_citation.journal_id_ISSN           1089-8638 
_citation.journal_full              ? 
_citation.journal_issue             ? 
_citation.journal_volume            434 
_citation.language                  ? 
_citation.page_first                167400 
_citation.page_last                 167400 
_citation.title                     'A Model for the Signal Initiation Complex Between Arrestin-3 and the Src Family Kinase Fgr.' 
_citation.year                      2022 
_citation.database_id_CSD           ? 
_citation.pdbx_database_id_DOI      10.1016/j.jmb.2021.167400 
_citation.pdbx_database_id_PubMed   34902430 
_citation.unpublished_flag          ? 
# 
loop_
_citation_author.citation_id 
_citation_author.name 
_citation_author.ordinal 
_citation_author.identifier_ORCID 
primary 'Perez, I.'           1 ? 
primary 'Berndt, S.'          2 ? 
primary 'Agarwal, R.'         3 ? 
primary 'Castro, M.A.'        4 ? 
primary 'Vishnivetskiy, S.A.' 5 ? 
primary 'Smith, J.C.'         6 ? 
primary 'Sanders, C.R.'       7 ? 
primary 'Gurevich, V.V.'      8 ? 
primary 'Iverson, T.M.'       9 ? 
# 
_cell.angle_alpha                  90.000 
_cell.angle_alpha_esd              ? 
_cell.angle_beta                   90.000 
_cell.angle_beta_esd               ? 
_cell.angle_gamma                  90.000 
_cell.angle_gamma_esd              ? 
_cell.entry_id                     7JT9 
_cell.details                      ? 
_cell.formula_units_Z              ? 
_cell.length_a                     35.553 
_cell.length_a_esd                 ? 
_cell.length_b                     53.287 
_cell.length_b_esd                 ? 
_cell.length_c                     67.483 
_cell.length_c_esd                 ? 
_cell.volume                       ? 
_cell.volume_esd                   ? 
_cell.Z_PDB                        8 
_cell.reciprocal_angle_alpha       ? 
_cell.reciprocal_angle_beta        ? 
_cell.reciprocal_angle_gamma       ? 
_cell.reciprocal_angle_alpha_esd   ? 
_cell.reciprocal_angle_beta_esd    ? 
_cell.reciprocal_angle_gamma_esd   ? 
_cell.reciprocal_length_a          ? 
_cell.reciprocal_length_b          ? 
_cell.reciprocal_length_c          ? 
_cell.reciprocal_length_a_esd      ? 
_cell.reciprocal_length_b_esd      ? 
_cell.reciprocal_length_c_esd      ? 
_cell.pdbx_unique_axis             ? 
# 
_symmetry.entry_id                         7JT9 
_symmetry.cell_setting                     ? 
_symmetry.Int_Tables_number                23 
_symmetry.space_group_name_Hall            ? 
_symmetry.space_group_name_H-M             'I 2 2 2' 
_symmetry.pdbx_full_space_group_name_H-M   ? 
# 
loop_
_entity.id 
_entity.type 
_entity.src_method 
_entity.pdbx_description 
_entity.formula_weight 
_entity.pdbx_number_of_molecules 
_entity.pdbx_ec 
_entity.pdbx_mutation 
_entity.pdbx_fragment 
_entity.details 
1 polymer man 'Tyrosine-protein kinase Fgr' 8151.982 1  ? ? 'SH3 domain' ? 
2 water   nat water                         18.015   28 ? ? ?            ? 
# 
_entity_name_com.entity_id   1 
_entity_name_com.name        
'Gardner-Rasheed feline sarcoma viral (v-fgr) oncogene homolog,Proto-oncogene c-Fgr,p55-Fgr,p58-Fgr,p58c-Fgr' 
# 
_entity_poly.entity_id                      1 
_entity_poly.type                           'polypeptide(L)' 
_entity_poly.nstd_linkage                   no 
_entity_poly.nstd_monomer                   no 
_entity_poly.pdbx_seq_one_letter_code       MIGVTLFIALYDYEARTEDDLTFTKGEKFHILNNTEGDWWEARSLSSGKTGCIPSNYVAPVDSLEHHHHHH 
_entity_poly.pdbx_seq_one_letter_code_can   MIGVTLFIALYDYEARTEDDLTFTKGEKFHILNNTEGDWWEARSLSSGKTGCIPSNYVAPVDSLEHHHHHH 
_entity_poly.pdbx_strand_id                 A 
_entity_poly.pdbx_target_identifier         ? 
# 
loop_
_entity_poly_seq.entity_id 
_entity_poly_seq.num 
_entity_poly_seq.mon_id 
_entity_poly_seq.hetero 
1 1  MET n 
1 2  ILE n 
1 3  GLY n 
1 4  VAL n 
1 5  THR n 
1 6  LEU n 
1 7  PHE n 
1 8  ILE n 
1 9  ALA n 
1 10 LEU n 
1 11 TYR n 
1 12 ASP n 
1 13 TYR n 
1 14 GLU n 
1 15 ALA n 
1 16 ARG n 
1 17 THR n 
1 18 GLU n 
1 19 ASP n 
1 20 ASP n 
1 21 LEU n 
1 22 THR n 
1 23 PHE n 
1 24 THR n 
1 25 LYS n 
1 26 GLY n 
1 27 GLU n 
1 28 LYS n 
1 29 PHE n 
1 30 HIS n 
1 31 ILE n 
1 32 LEU n 
1 33 ASN n 
1 34 ASN n 
1 35 THR n 
1 36 GLU n 
1 37 GLY n 
1 38 ASP n 
1 39 TRP n 
1 40 TRP n 
1 41 GLU n 
1 42 ALA n 
1 43 ARG n 
1 44 SER n 
1 45 LEU n 
1 46 SER n 
1 47 SER n 
1 48 GLY n 
1 49 LYS n 
1 50 THR n 
1 51 GLY n 
1 52 CYS n 
1 53 ILE n 
1 54 PRO n 
1 55 SER n 
1 56 ASN n 
1 57 TYR n 
1 58 VAL n 
1 59 ALA n 
1 60 PRO n 
1 61 VAL n 
1 62 ASP n 
1 63 SER n 
1 64 LEU n 
1 65 GLU n 
1 66 HIS n 
1 67 HIS n 
1 68 HIS n 
1 69 HIS n 
1 70 HIS n 
1 71 HIS n 
# 
_entity_src_gen.entity_id                          1 
_entity_src_gen.pdbx_src_id                        1 
_entity_src_gen.pdbx_alt_source_flag               sample 
_entity_src_gen.pdbx_seq_type                      'Biological sequence' 
_entity_src_gen.pdbx_beg_seq_num                   1 
_entity_src_gen.pdbx_end_seq_num                   71 
_entity_src_gen.gene_src_common_name               Human 
_entity_src_gen.gene_src_genus                     ? 
_entity_src_gen.pdbx_gene_src_gene                 'FGR, SRC2' 
_entity_src_gen.gene_src_species                   ? 
_entity_src_gen.gene_src_strain                    ? 
_entity_src_gen.gene_src_tissue                    ? 
_entity_src_gen.gene_src_tissue_fraction           ? 
_entity_src_gen.gene_src_details                   ? 
_entity_src_gen.pdbx_gene_src_fragment             ? 
_entity_src_gen.pdbx_gene_src_scientific_name      'Homo sapiens' 
_entity_src_gen.pdbx_gene_src_ncbi_taxonomy_id     9606 
_entity_src_gen.pdbx_gene_src_variant              ? 
_entity_src_gen.pdbx_gene_src_cell_line            ? 
_entity_src_gen.pdbx_gene_src_atcc                 ? 
_entity_src_gen.pdbx_gene_src_organ                ? 
_entity_src_gen.pdbx_gene_src_organelle            ? 
_entity_src_gen.pdbx_gene_src_cell                 ? 
_entity_src_gen.pdbx_gene_src_cellular_location    ? 
_entity_src_gen.host_org_common_name               ? 
_entity_src_gen.pdbx_host_org_scientific_name      'Escherichia coli BL21(DE3)' 
_entity_src_gen.pdbx_host_org_ncbi_taxonomy_id     469008 
_entity_src_gen.host_org_genus                     ? 
_entity_src_gen.pdbx_host_org_gene                 ? 
_entity_src_gen.pdbx_host_org_organ                ? 
_entity_src_gen.host_org_species                   ? 
_entity_src_gen.pdbx_host_org_tissue               ? 
_entity_src_gen.pdbx_host_org_tissue_fraction      ? 
_entity_src_gen.pdbx_host_org_strain               ? 
_entity_src_gen.pdbx_host_org_variant              ? 
_entity_src_gen.pdbx_host_org_cell_line            ? 
_entity_src_gen.pdbx_host_org_atcc                 ? 
_entity_src_gen.pdbx_host_org_culture_collection   ? 
_entity_src_gen.pdbx_host_org_cell                 ? 
_entity_src_gen.pdbx_host_org_organelle            ? 
_entity_src_gen.pdbx_host_org_cellular_location    ? 
_entity_src_gen.pdbx_host_org_vector_type          ? 
_entity_src_gen.pdbx_host_org_vector               ? 
_entity_src_gen.host_org_details                   ? 
_entity_src_gen.expression_system_id               ? 
_entity_src_gen.plasmid_name                       ? 
_entity_src_gen.plasmid_details                    ? 
_entity_src_gen.pdbx_description                   ? 
# 
_struct_ref.id                         1 
_struct_ref.db_name                    UNP 
_struct_ref.db_code                    FGR_HUMAN 
_struct_ref.pdbx_db_accession          P09769 
_struct_ref.pdbx_db_isoform            ? 
_struct_ref.entity_id                  1 
_struct_ref.pdbx_seq_one_letter_code   IGVTLFIALYDYEARTEDDLTFTKGEKFHILNNTEGDWWEARSLSSGKTGCIPSNYVAPVDS 
_struct_ref.pdbx_align_begin           77 
# 
_struct_ref_seq.align_id                      1 
_struct_ref_seq.ref_id                        1 
_struct_ref_seq.pdbx_PDB_id_code              7JT9 
_struct_ref_seq.pdbx_strand_id                A 
_struct_ref_seq.seq_align_beg                 2 
_struct_ref_seq.pdbx_seq_align_beg_ins_code   ? 
_struct_ref_seq.seq_align_end                 63 
_struct_ref_seq.pdbx_seq_align_end_ins_code   ? 
_struct_ref_seq.pdbx_db_accession             P09769 
_struct_ref_seq.db_align_beg                  77 
_struct_ref_seq.pdbx_db_align_beg_ins_code    ? 
_struct_ref_seq.db_align_end                  138 
_struct_ref_seq.pdbx_db_align_end_ins_code    ? 
_struct_ref_seq.pdbx_auth_seq_align_beg       91 
_struct_ref_seq.pdbx_auth_seq_align_end       152 
# 
loop_
_struct_ref_seq_dif.align_id 
_struct_ref_seq_dif.pdbx_pdb_id_code 
_struct_ref_seq_dif.mon_id 
_struct_ref_seq_dif.pdbx_pdb_strand_id 
_struct_ref_seq_dif.seq_num 
_struct_ref_seq_dif.pdbx_pdb_ins_code 
_struct_ref_seq_dif.pdbx_seq_db_name 
_struct_ref_seq_dif.pdbx_seq_db_accession_code 
_struct_ref_seq_dif.db_mon_id 
_struct_ref_seq_dif.pdbx_seq_db_seq_num 
_struct_ref_seq_dif.details 
_struct_ref_seq_dif.pdbx_auth_seq_num 
_struct_ref_seq_dif.pdbx_ordinal 
1 7JT9 MET A 1  ? UNP P09769 ? ? 'initiating methionine' 90  1 
1 7JT9 LEU A 64 ? UNP P09769 ? ? 'expression tag'        153 2 
1 7JT9 GLU A 65 ? UNP P09769 ? ? 'expression tag'        154 3 
1 7JT9 HIS A 66 ? UNP P09769 ? ? 'expression tag'        155 4 
1 7JT9 HIS A 67 ? UNP P09769 ? ? 'expression tag'        156 5 
1 7JT9 HIS A 68 ? UNP P09769 ? ? 'expression tag'        157 6 
1 7JT9 HIS A 69 ? UNP P09769 ? ? 'expression tag'        158 7 
1 7JT9 HIS A 70 ? UNP P09769 ? ? 'expression tag'        159 8 
1 7JT9 HIS A 71 ? UNP P09769 ? ? 'expression tag'        160 9 
# 
loop_
_chem_comp.id 
_chem_comp.type 
_chem_comp.mon_nstd_flag 
_chem_comp.name 
_chem_comp.pdbx_synonyms 
_chem_comp.formula 
_chem_comp.formula_weight 
ALA 'L-peptide linking' y ALANINE         ? 'C3 H7 N O2'     89.093  
ARG 'L-peptide linking' y ARGININE        ? 'C6 H15 N4 O2 1' 175.209 
ASN 'L-peptide linking' y ASPARAGINE      ? 'C4 H8 N2 O3'    132.118 
ASP 'L-peptide linking' y 'ASPARTIC ACID' ? 'C4 H7 N O4'     133.103 
CYS 'L-peptide linking' y CYSTEINE        ? 'C3 H7 N O2 S'   121.158 
GLU 'L-peptide linking' y 'GLUTAMIC ACID' ? 'C5 H9 N O4'     147.129 
GLY 'peptide linking'   y GLYCINE         ? 'C2 H5 N O2'     75.067  
HIS 'L-peptide linking' y HISTIDINE       ? 'C6 H10 N3 O2 1' 156.162 
HOH non-polymer         . WATER           ? 'H2 O'           18.015  
ILE 'L-peptide linking' y ISOLEUCINE      ? 'C6 H13 N O2'    131.173 
LEU 'L-peptide linking' y LEUCINE         ? 'C6 H13 N O2'    131.173 
LYS 'L-peptide linking' y LYSINE          ? 'C6 H15 N2 O2 1' 147.195 
MET 'L-peptide linking' y METHIONINE      ? 'C5 H11 N O2 S'  149.211 
PHE 'L-peptide linking' y PHENYLALANINE   ? 'C9 H11 N O2'    165.189 
PRO 'L-peptide linking' y PROLINE         ? 'C5 H9 N O2'     115.130 
SER 'L-peptide linking' y SERINE          ? 'C3 H7 N O3'     105.093 
THR 'L-peptide linking' y THREONINE       ? 'C4 H9 N O3'     119.119 
TRP 'L-peptide linking' y TRYPTOPHAN      ? 'C11 H12 N2 O2'  204.225 
TYR 'L-peptide linking' y TYROSINE        ? 'C9 H11 N O3'    181.189 
VAL 'L-peptide linking' y VALINE          ? 'C5 H11 N O2'    117.146 
# 
_exptl.absorpt_coefficient_mu     ? 
_exptl.absorpt_correction_T_max   ? 
_exptl.absorpt_correction_T_min   ? 
_exptl.absorpt_correction_type    ? 
_exptl.absorpt_process_details    ? 
_exptl.entry_id                   7JT9 
_exptl.crystals_number            1 
_exptl.details                    ? 
_exptl.method                     'X-RAY DIFFRACTION' 
_exptl.method_details             ? 
# 
_exptl_crystal.colour                      ? 
_exptl_crystal.density_diffrn              ? 
_exptl_crystal.density_Matthews            1.96 
_exptl_crystal.density_method              ? 
_exptl_crystal.density_percent_sol         37.26 
_exptl_crystal.description                 ? 
_exptl_crystal.F_000                       ? 
_exptl_crystal.id                          1 
_exptl_crystal.preparation                 ? 
_exptl_crystal.size_max                    ? 
_exptl_crystal.size_mid                    ? 
_exptl_crystal.size_min                    ? 
_exptl_crystal.size_rad                    ? 
_exptl_crystal.colour_lustre               ? 
_exptl_crystal.colour_modifier             ? 
_exptl_crystal.colour_primary              ? 
_exptl_crystal.density_meas                ? 
_exptl_crystal.density_meas_esd            ? 
_exptl_crystal.density_meas_gt             ? 
_exptl_crystal.density_meas_lt             ? 
_exptl_crystal.density_meas_temp           ? 
_exptl_crystal.density_meas_temp_esd       ? 
_exptl_crystal.density_meas_temp_gt        ? 
_exptl_crystal.density_meas_temp_lt        ? 
_exptl_crystal.pdbx_crystal_image_url      ? 
_exptl_crystal.pdbx_crystal_image_format   ? 
_exptl_crystal.pdbx_mosaicity              ? 
_exptl_crystal.pdbx_mosaicity_esd          ? 
# 
_exptl_crystal_grow.apparatus       ? 
_exptl_crystal_grow.atmosphere      ? 
_exptl_crystal_grow.crystal_id      1 
_exptl_crystal_grow.details         ? 
_exptl_crystal_grow.method          'VAPOR DIFFUSION, SITTING DROP' 
_exptl_crystal_grow.method_ref      ? 
_exptl_crystal_grow.pH              5.5 
_exptl_crystal_grow.pressure        ? 
_exptl_crystal_grow.pressure_esd    ? 
_exptl_crystal_grow.seeding         ? 
_exptl_crystal_grow.seeding_ref     ? 
_exptl_crystal_grow.temp            293 
_exptl_crystal_grow.temp_details    ? 
_exptl_crystal_grow.temp_esd        ? 
_exptl_crystal_grow.time            ? 
_exptl_crystal_grow.pdbx_details    '0.1 M Sodium citrate tribasic, 0.1 M citric acid, 40% (v/v) PEG 600' 
_exptl_crystal_grow.pdbx_pH_range   ? 
# 
_diffrn.ambient_environment              ? 
_diffrn.ambient_temp                     100 
_diffrn.ambient_temp_details             ? 
_diffrn.ambient_temp_esd                 ? 
_diffrn.crystal_id                       1 
_diffrn.crystal_support                  ? 
_diffrn.crystal_treatment                ? 
_diffrn.details                          ? 
_diffrn.id                               1 
_diffrn.ambient_pressure                 ? 
_diffrn.ambient_pressure_esd             ? 
_diffrn.ambient_pressure_gt              ? 
_diffrn.ambient_pressure_lt              ? 
_diffrn.ambient_temp_gt                  ? 
_diffrn.ambient_temp_lt                  ? 
_diffrn.pdbx_serial_crystal_experiment   N 
# 
_diffrn_detector.details                      ? 
_diffrn_detector.detector                     PIXEL 
_diffrn_detector.diffrn_id                    1 
_diffrn_detector.type                         'DECTRIS PILATUS 6M' 
_diffrn_detector.area_resol_mean              ? 
_diffrn_detector.dtime                        ? 
_diffrn_detector.pdbx_frames_total            ? 
_diffrn_detector.pdbx_collection_time_total   ? 
_diffrn_detector.pdbx_collection_date         2019-04-19 
_diffrn_detector.pdbx_frequency               ? 
# 
_diffrn_radiation.collimation                      ? 
_diffrn_radiation.diffrn_id                        1 
_diffrn_radiation.filter_edge                      ? 
_diffrn_radiation.inhomogeneity                    ? 
_diffrn_radiation.monochromator                    ? 
_diffrn_radiation.polarisn_norm                    ? 
_diffrn_radiation.polarisn_ratio                   ? 
_diffrn_radiation.probe                            ? 
_diffrn_radiation.type                             ? 
_diffrn_radiation.xray_symbol                      ? 
_diffrn_radiation.wavelength_id                    1 
_diffrn_radiation.pdbx_monochromatic_or_laue_m_l   M 
_diffrn_radiation.pdbx_wavelength_list             ? 
_diffrn_radiation.pdbx_wavelength                  ? 
_diffrn_radiation.pdbx_diffrn_protocol             'SINGLE WAVELENGTH' 
_diffrn_radiation.pdbx_analyzer                    ? 
_diffrn_radiation.pdbx_scattering_type             x-ray 
# 
_diffrn_radiation_wavelength.id           1 
_diffrn_radiation_wavelength.wavelength   0.97946 
_diffrn_radiation_wavelength.wt           1.0 
# 
_diffrn_source.current                     ? 
_diffrn_source.details                     ? 
_diffrn_source.diffrn_id                   1 
_diffrn_source.power                       ? 
_diffrn_source.size                        ? 
_diffrn_source.source                      SYNCHROTRON 
_diffrn_source.target                      ? 
_diffrn_source.type                        'SSRL BEAMLINE BL9-2' 
_diffrn_source.voltage                     ? 
_diffrn_source.take-off_angle              ? 
_diffrn_source.pdbx_wavelength_list        0.97946 
_diffrn_source.pdbx_wavelength             ? 
_diffrn_source.pdbx_synchrotron_beamline   BL9-2 
_diffrn_source.pdbx_synchrotron_site       SSRL 
# 
_reflns.B_iso_Wilson_estimate            ? 
_reflns.entry_id                         7JT9 
_reflns.data_reduction_details           ? 
_reflns.data_reduction_method            ? 
_reflns.d_resolution_high                1.93 
_reflns.d_resolution_low                 50 
_reflns.details                          ? 
_reflns.limit_h_max                      ? 
_reflns.limit_h_min                      ? 
_reflns.limit_k_max                      ? 
_reflns.limit_k_min                      ? 
_reflns.limit_l_max                      ? 
_reflns.limit_l_min                      ? 
_reflns.number_all                       ? 
_reflns.number_obs                       4945 
_reflns.observed_criterion               ? 
_reflns.observed_criterion_F_max         ? 
_reflns.observed_criterion_F_min         ? 
_reflns.observed_criterion_I_max         ? 
_reflns.observed_criterion_I_min         ? 
_reflns.observed_criterion_sigma_F       ? 
_reflns.observed_criterion_sigma_I       ? 
_reflns.percent_possible_obs             97.50 
_reflns.R_free_details                   ? 
_reflns.Rmerge_F_all                     ? 
_reflns.Rmerge_F_obs                     ? 
_reflns.Friedel_coverage                 ? 
_reflns.number_gt                        ? 
_reflns.threshold_expression             ? 
_reflns.pdbx_redundancy                  4.6 
_reflns.pdbx_Rmerge_I_obs                0.092 
_reflns.pdbx_Rmerge_I_all                ? 
_reflns.pdbx_Rsym_value                  ? 
_reflns.pdbx_netI_over_av_sigmaI         ? 
_reflns.pdbx_netI_over_sigmaI            15.875 
_reflns.pdbx_res_netI_over_av_sigmaI_2   ? 
_reflns.pdbx_res_netI_over_sigmaI_2      ? 
_reflns.pdbx_chi_squared                 ? 
_reflns.pdbx_scaling_rejects             ? 
_reflns.pdbx_d_res_high_opt              ? 
_reflns.pdbx_d_res_low_opt               ? 
_reflns.pdbx_d_res_opt_method            ? 
_reflns.phase_calculation_details        ? 
_reflns.pdbx_Rrim_I_all                  ? 
_reflns.pdbx_Rpim_I_all                  ? 
_reflns.pdbx_d_opt                       ? 
_reflns.pdbx_number_measured_all         ? 
_reflns.pdbx_diffrn_id                   1 
_reflns.pdbx_ordinal                     1 
_reflns.pdbx_CC_half                     1.00 
_reflns.pdbx_CC_star                     ? 
_reflns.pdbx_R_split                     ? 
# 
_reflns_shell.d_res_high                  1.93 
_reflns_shell.d_res_low                   1.96 
_reflns_shell.meanI_over_sigI_all         ? 
_reflns_shell.meanI_over_sigI_obs         ? 
_reflns_shell.number_measured_all         ? 
_reflns_shell.number_measured_obs         ? 
_reflns_shell.number_possible             ? 
_reflns_shell.number_unique_all           ? 
_reflns_shell.number_unique_obs           227 
_reflns_shell.percent_possible_all        ? 
_reflns_shell.percent_possible_obs        ? 
_reflns_shell.Rmerge_F_all                ? 
_reflns_shell.Rmerge_F_obs                ? 
_reflns_shell.Rmerge_I_all                ? 
_reflns_shell.Rmerge_I_obs                0.468 
_reflns_shell.meanI_over_sigI_gt          ? 
_reflns_shell.meanI_over_uI_all           ? 
_reflns_shell.meanI_over_uI_gt            ? 
_reflns_shell.number_measured_gt          ? 
_reflns_shell.number_unique_gt            ? 
_reflns_shell.percent_possible_gt         ? 
_reflns_shell.Rmerge_F_gt                 ? 
_reflns_shell.Rmerge_I_gt                 ? 
_reflns_shell.pdbx_redundancy             ? 
_reflns_shell.pdbx_Rsym_value             ? 
_reflns_shell.pdbx_chi_squared            ? 
_reflns_shell.pdbx_netI_over_sigmaI_all   ? 
_reflns_shell.pdbx_netI_over_sigmaI_obs   ? 
_reflns_shell.pdbx_Rrim_I_all             ? 
_reflns_shell.pdbx_Rpim_I_all             ? 
_reflns_shell.pdbx_rejects                ? 
_reflns_shell.pdbx_ordinal                1 
_reflns_shell.pdbx_diffrn_id              1 
_reflns_shell.pdbx_CC_half                0.778 
_reflns_shell.pdbx_CC_star                ? 
_reflns_shell.pdbx_R_split                ? 
# 
_refine.aniso_B[1][1]                            ? 
_refine.aniso_B[1][2]                            ? 
_refine.aniso_B[1][3]                            ? 
_refine.aniso_B[2][2]                            ? 
_refine.aniso_B[2][3]                            ? 
_refine.aniso_B[3][3]                            ? 
_refine.B_iso_max                                65.680 
_refine.B_iso_mean                               27.7945 
_refine.B_iso_min                                15.850 
_refine.correlation_coeff_Fo_to_Fc               ? 
_refine.correlation_coeff_Fo_to_Fc_free          ? 
_refine.details                                  ? 
_refine.diff_density_max                         ? 
_refine.diff_density_max_esd                     ? 
_refine.diff_density_min                         ? 
_refine.diff_density_min_esd                     ? 
_refine.diff_density_rms                         ? 
_refine.diff_density_rms_esd                     ? 
_refine.entry_id                                 7JT9 
_refine.pdbx_refine_id                           'X-RAY DIFFRACTION' 
_refine.ls_abs_structure_details                 ? 
_refine.ls_abs_structure_Flack                   ? 
_refine.ls_abs_structure_Flack_esd               ? 
_refine.ls_abs_structure_Rogers                  ? 
_refine.ls_abs_structure_Rogers_esd              ? 
_refine.ls_d_res_high                            1.9300 
_refine.ls_d_res_low                             33.7400 
_refine.ls_extinction_coef                       ? 
_refine.ls_extinction_coef_esd                   ? 
_refine.ls_extinction_expression                 ? 
_refine.ls_extinction_method                     ? 
_refine.ls_goodness_of_fit_all                   ? 
_refine.ls_goodness_of_fit_all_esd               ? 
_refine.ls_goodness_of_fit_obs                   ? 
_refine.ls_goodness_of_fit_obs_esd               ? 
_refine.ls_hydrogen_treatment                    ? 
_refine.ls_matrix_type                           ? 
_refine.ls_number_constraints                    ? 
_refine.ls_number_parameters                     ? 
_refine.ls_number_reflns_all                     ? 
_refine.ls_number_reflns_obs                     4945 
_refine.ls_number_reflns_R_free                  495 
_refine.ls_number_reflns_R_work                  4450 
_refine.ls_number_restraints                     ? 
_refine.ls_percent_reflns_obs                    97.5300 
_refine.ls_percent_reflns_R_free                 10.0100 
_refine.ls_R_factor_all                          ? 
_refine.ls_R_factor_obs                          0.1894 
_refine.ls_R_factor_R_free                       0.2172 
_refine.ls_R_factor_R_free_error                 ? 
_refine.ls_R_factor_R_free_error_details         ? 
_refine.ls_R_factor_R_work                       0.1863 
_refine.ls_R_Fsqd_factor_obs                     ? 
_refine.ls_R_I_factor_obs                        ? 
_refine.ls_redundancy_reflns_all                 ? 
_refine.ls_redundancy_reflns_obs                 ? 
_refine.ls_restrained_S_all                      ? 
_refine.ls_restrained_S_obs                      ? 
_refine.ls_shift_over_esd_max                    ? 
_refine.ls_shift_over_esd_mean                   ? 
_refine.ls_structure_factor_coef                 ? 
_refine.ls_weighting_details                     ? 
_refine.ls_weighting_scheme                      ? 
_refine.ls_wR_factor_all                         ? 
_refine.ls_wR_factor_obs                         ? 
_refine.ls_wR_factor_R_free                      ? 
_refine.ls_wR_factor_R_work                      ? 
_refine.occupancy_max                            ? 
_refine.occupancy_min                            ? 
_refine.solvent_model_details                    'FLAT BULK SOLVENT MODEL' 
_refine.solvent_model_param_bsol                 ? 
_refine.solvent_model_param_ksol                 ? 
_refine.pdbx_R_complete                          ? 
_refine.ls_R_factor_gt                           ? 
_refine.ls_goodness_of_fit_gt                    ? 
_refine.ls_goodness_of_fit_ref                   ? 
_refine.ls_shift_over_su_max                     ? 
_refine.ls_shift_over_su_max_lt                  ? 
_refine.ls_shift_over_su_mean                    ? 
_refine.ls_shift_over_su_mean_lt                 ? 
_refine.pdbx_ls_sigma_I                          ? 
_refine.pdbx_ls_sigma_F                          1.360 
_refine.pdbx_ls_sigma_Fsqd                       ? 
_refine.pdbx_data_cutoff_high_absF               ? 
_refine.pdbx_data_cutoff_high_rms_absF           ? 
_refine.pdbx_data_cutoff_low_absF                ? 
_refine.pdbx_isotropic_thermal_model             ? 
_refine.pdbx_ls_cross_valid_method               THROUGHOUT 
_refine.pdbx_method_to_determine_struct          'MOLECULAR REPLACEMENT' 
_refine.pdbx_starting_model                      2HDA 
_refine.pdbx_stereochemistry_target_values       ML 
_refine.pdbx_R_Free_selection_details            ? 
_refine.pdbx_stereochem_target_val_spec_case     ? 
_refine.pdbx_overall_ESU_R                       ? 
_refine.pdbx_overall_ESU_R_Free                  ? 
_refine.pdbx_solvent_vdw_probe_radii             1.1100 
_refine.pdbx_solvent_ion_probe_radii             ? 
_refine.pdbx_solvent_shrinkage_radii             0.9000 
_refine.pdbx_real_space_R                        ? 
_refine.pdbx_density_correlation                 ? 
_refine.pdbx_pd_number_of_powder_patterns        ? 
_refine.pdbx_pd_number_of_points                 ? 
_refine.pdbx_pd_meas_number_of_points            ? 
_refine.pdbx_pd_proc_ls_prof_R_factor            ? 
_refine.pdbx_pd_proc_ls_prof_wR_factor           ? 
_refine.pdbx_pd_Marquardt_correlation_coeff      ? 
_refine.pdbx_pd_Fsqrd_R_factor                   ? 
_refine.pdbx_pd_ls_matrix_band_width             ? 
_refine.pdbx_overall_phase_error                 21.1500 
_refine.pdbx_overall_SU_R_free_Cruickshank_DPI   ? 
_refine.pdbx_overall_SU_R_free_Blow_DPI          ? 
_refine.pdbx_overall_SU_R_Blow_DPI               ? 
_refine.pdbx_TLS_residual_ADP_flag               ? 
_refine.pdbx_diffrn_id                           1 
_refine.overall_SU_B                             ? 
_refine.overall_SU_ML                            0.1600 
_refine.overall_SU_R_Cruickshank_DPI             ? 
_refine.overall_SU_R_free                        ? 
_refine.overall_FOM_free_R_set                   ? 
_refine.overall_FOM_work_R_set                   ? 
_refine.pdbx_average_fsc_overall                 ? 
_refine.pdbx_average_fsc_work                    ? 
_refine.pdbx_average_fsc_free                    ? 
# 
_refine_hist.pdbx_refine_id                   'X-RAY DIFFRACTION' 
_refine_hist.cycle_id                         final 
_refine_hist.details                          ? 
_refine_hist.d_res_high                       1.9300 
_refine_hist.d_res_low                        33.7400 
_refine_hist.number_atoms_solvent             28 
_refine_hist.number_atoms_total               593 
_refine_hist.number_reflns_all                ? 
_refine_hist.number_reflns_obs                ? 
_refine_hist.number_reflns_R_free             ? 
_refine_hist.number_reflns_R_work             ? 
_refine_hist.R_factor_all                     ? 
_refine_hist.R_factor_obs                     ? 
_refine_hist.R_factor_R_free                  ? 
_refine_hist.R_factor_R_work                  ? 
_refine_hist.pdbx_number_residues_total       71 
_refine_hist.pdbx_B_iso_mean_ligand           ? 
_refine_hist.pdbx_B_iso_mean_solvent          37.39 
_refine_hist.pdbx_number_atoms_protein        565 
_refine_hist.pdbx_number_atoms_nucleic_acid   0 
_refine_hist.pdbx_number_atoms_ligand         0 
_refine_hist.pdbx_number_atoms_lipid          ? 
_refine_hist.pdbx_number_atoms_carb           ? 
_refine_hist.pdbx_pseudo_atom_details         ? 
# 
loop_
_refine_ls_shell.pdbx_refine_id 
_refine_ls_shell.d_res_high 
_refine_ls_shell.d_res_low 
_refine_ls_shell.number_reflns_all 
_refine_ls_shell.number_reflns_obs 
_refine_ls_shell.number_reflns_R_free 
_refine_ls_shell.number_reflns_R_work 
_refine_ls_shell.percent_reflns_obs 
_refine_ls_shell.percent_reflns_R_free 
_refine_ls_shell.R_factor_all 
_refine_ls_shell.R_factor_obs 
_refine_ls_shell.R_factor_R_free 
_refine_ls_shell.R_factor_R_free_error 
_refine_ls_shell.R_factor_R_work 
_refine_ls_shell.redundancy_reflns_all 
_refine_ls_shell.redundancy_reflns_obs 
_refine_ls_shell.wR_factor_all 
_refine_ls_shell.wR_factor_obs 
_refine_ls_shell.wR_factor_R_free 
_refine_ls_shell.wR_factor_R_work 
_refine_ls_shell.pdbx_R_complete 
_refine_ls_shell.pdbx_total_number_of_bins_used 
_refine_ls_shell.pdbx_phase_error 
_refine_ls_shell.pdbx_fsc_work 
_refine_ls_shell.pdbx_fsc_free 
'X-RAY DIFFRACTION' 1.9300 2.1300  1185 . 118 1067 96.0000 . . . 0.2329 0.0000 0.1984 . . . . . . . 4 . . . 
'X-RAY DIFFRACTION' 2.1300 2.4300  1212 . 122 1090 98.0000 . . . 0.2209 0.0000 0.1946 . . . . . . . 4 . . . 
'X-RAY DIFFRACTION' 2.4300 3.0600  1231 . 123 1108 98.0000 . . . 0.2416 0.0000 0.2042 . . . . . . . 4 . . . 
'X-RAY DIFFRACTION' 3.0700 33.7400 1317 . 132 1185 99.0000 . . . 0.2023 0.0000 0.1739 . . . . . . . 4 . . . 
# 
_struct.entry_id                     7JT9 
_struct.title                        'Fgr SH3 domain crystal structure' 
_struct.pdbx_model_details           ? 
_struct.pdbx_formula_weight          ? 
_struct.pdbx_formula_weight_method   ? 
_struct.pdbx_model_type_details      ? 
_struct.pdbx_CASP_flag               N 
# 
_struct_keywords.entry_id        7JT9 
_struct_keywords.text            'Src Family Kinase, SH3 domain, ONCOPROTEIN' 
_struct_keywords.pdbx_keywords   ONCOPROTEIN 
# 
loop_
_struct_asym.id 
_struct_asym.pdbx_blank_PDB_chainid_flag 
_struct_asym.pdbx_modified 
_struct_asym.entity_id 
_struct_asym.details 
A N N 1 ? 
B N N 2 ? 
# 
_struct_conf.conf_type_id            HELX_P 
_struct_conf.id                      HELX_P1 
_struct_conf.pdbx_PDB_helix_id       AA1 
_struct_conf.beg_label_comp_id       VAL 
_struct_conf.beg_label_asym_id       A 
_struct_conf.beg_label_seq_id        61 
_struct_conf.pdbx_beg_PDB_ins_code   ? 
_struct_conf.end_label_comp_id       GLU 
_struct_conf.end_label_asym_id       A 
_struct_conf.end_label_seq_id        65 
_struct_conf.pdbx_end_PDB_ins_code   ? 
_struct_conf.beg_auth_comp_id        VAL 
_struct_conf.beg_auth_asym_id        A 
_struct_conf.beg_auth_seq_id         150 
_struct_conf.end_auth_comp_id        GLU 
_struct_conf.end_auth_asym_id        A 
_struct_conf.end_auth_seq_id         154 
_struct_conf.pdbx_PDB_helix_class    1 
_struct_conf.details                 ? 
_struct_conf.pdbx_PDB_helix_length   5 
# 
_struct_conf_type.id          HELX_P 
_struct_conf_type.criteria    ? 
_struct_conf_type.reference   ? 
# 
_struct_sheet.id               AA1 
_struct_sheet.type             ? 
_struct_sheet.number_strands   5 
_struct_sheet.details          ? 
# 
loop_
_struct_sheet_order.sheet_id 
_struct_sheet_order.range_id_1 
_struct_sheet_order.range_id_2 
_struct_sheet_order.offset 
_struct_sheet_order.sense 
AA1 1 2 ? anti-parallel 
AA1 2 3 ? anti-parallel 
AA1 3 4 ? anti-parallel 
AA1 4 5 ? anti-parallel 
# 
loop_
_struct_sheet_range.sheet_id 
_struct_sheet_range.id 
_struct_sheet_range.beg_label_comp_id 
_struct_sheet_range.beg_label_asym_id 
_struct_sheet_range.beg_label_seq_id 
_struct_sheet_range.pdbx_beg_PDB_ins_code 
_struct_sheet_range.end_label_comp_id 
_struct_sheet_range.end_label_asym_id 
_struct_sheet_range.end_label_seq_id 
_struct_sheet_range.pdbx_end_PDB_ins_code 
_struct_sheet_range.beg_auth_comp_id 
_struct_sheet_range.beg_auth_asym_id 
_struct_sheet_range.beg_auth_seq_id 
_struct_sheet_range.end_auth_comp_id 
_struct_sheet_range.end_auth_asym_id 
_struct_sheet_range.end_auth_seq_id 
AA1 1 THR A 50 ? PRO A 54 ? THR A 139 PRO A 143 
AA1 2 TRP A 39 ? SER A 44 ? TRP A 128 SER A 133 
AA1 3 LYS A 28 ? ASN A 33 ? LYS A 117 ASN A 122 
AA1 4 PHE A 7  ? ALA A 9  ? PHE A 96  ALA A 98  
AA1 5 VAL A 58 ? PRO A 60 ? VAL A 147 PRO A 149 
# 
loop_
_pdbx_struct_sheet_hbond.sheet_id 
_pdbx_struct_sheet_hbond.range_id_1 
_pdbx_struct_sheet_hbond.range_id_2 
_pdbx_struct_sheet_hbond.range_1_label_atom_id 
_pdbx_struct_sheet_hbond.range_1_label_comp_id 
_pdbx_struct_sheet_hbond.range_1_label_asym_id 
_pdbx_struct_sheet_hbond.range_1_label_seq_id 
_pdbx_struct_sheet_hbond.range_1_PDB_ins_code 
_pdbx_struct_sheet_hbond.range_1_auth_atom_id 
_pdbx_struct_sheet_hbond.range_1_auth_comp_id 
_pdbx_struct_sheet_hbond.range_1_auth_asym_id 
_pdbx_struct_sheet_hbond.range_1_auth_seq_id 
_pdbx_struct_sheet_hbond.range_2_label_atom_id 
_pdbx_struct_sheet_hbond.range_2_label_comp_id 
_pdbx_struct_sheet_hbond.range_2_label_asym_id 
_pdbx_struct_sheet_hbond.range_2_label_seq_id 
_pdbx_struct_sheet_hbond.range_2_PDB_ins_code 
_pdbx_struct_sheet_hbond.range_2_auth_atom_id 
_pdbx_struct_sheet_hbond.range_2_auth_comp_id 
_pdbx_struct_sheet_hbond.range_2_auth_asym_id 
_pdbx_struct_sheet_hbond.range_2_auth_seq_id 
AA1 1 2 O GLY A 51 ? O GLY A 140 N ALA A 42 ? N ALA A 131 
AA1 2 3 O GLU A 41 ? O GLU A 130 N LEU A 32 ? N LEU A 121 
AA1 3 4 O PHE A 29 ? O PHE A 118 N PHE A 7  ? N PHE A 96  
AA1 4 5 N ILE A 8  ? N ILE A 97  O ALA A 59 ? O ALA A 148 
# 
_atom_sites.entry_id                    7JT9 
_atom_sites.Cartn_transf_matrix[1][1]   ? 
_atom_sites.Cartn_transf_matrix[1][2]   ? 
_atom_sites.Cartn_transf_matrix[1][3]   ? 
_atom_sites.Cartn_transf_matrix[2][1]   ? 
_atom_sites.Cartn_transf_matrix[2][2]   ? 
_atom_sites.Cartn_transf_matrix[2][3]   ? 
_atom_sites.Cartn_transf_matrix[3][1]   ? 
_atom_sites.Cartn_transf_matrix[3][2]   ? 
_atom_sites.Cartn_transf_matrix[3][3]   ? 
_atom_sites.Cartn_transf_vector[1]      ? 
_atom_sites.Cartn_transf_vector[2]      ? 
_atom_sites.Cartn_transf_vector[3]      ? 
_atom_sites.fract_transf_matrix[1][1]   -0.00450390 
_atom_sites.fract_transf_matrix[1][2]   -0.00124921 
_atom_sites.fract_transf_matrix[1][3]   0.02773594 
_atom_sites.fract_transf_matrix[2][1]   -0.00368716 
_atom_sites.fract_transf_matrix[2][2]   0.01839877 
_atom_sites.fract_transf_matrix[2][3]   0.00022993 
_atom_sites.fract_transf_matrix[3][1]   -0.01433507 
_atom_sites.fract_transf_matrix[3][2]   -0.00284210 
_atom_sites.fract_transf_matrix[3][3]   -0.00245581 
_atom_sites.fract_transf_vector[1]      -0.310511 
_atom_sites.fract_transf_vector[2]      -0.325536 
_atom_sites.fract_transf_vector[3]      -0.205420 
_atom_sites.solution_primary            ? 
_atom_sites.solution_secondary          ? 
_atom_sites.solution_hydrogens          ? 
_atom_sites.special_details             ? 
# 
loop_
_atom_type.symbol 
C 
N 
O 
S 
# 
loop_
_atom_site.group_PDB 
_atom_site.id 
_atom_site.type_symbol 
_atom_site.label_atom_id 
_atom_site.label_alt_id 
_atom_site.label_comp_id 
_atom_site.label_asym_id 
_atom_site.label_entity_id 
_atom_site.label_seq_id 
_atom_site.pdbx_PDB_ins_code 
_atom_site.Cartn_x 
_atom_site.Cartn_y 
_atom_site.Cartn_z 
_atom_site.occupancy 
_atom_site.B_iso_or_equiv 
_atom_site.pdbx_formal_charge 
_atom_site.auth_seq_id 
_atom_site.auth_comp_id 
_atom_site.auth_asym_id 
_atom_site.auth_atom_id 
_atom_site.pdbx_PDB_model_num 
ATOM   1   N N   . MET A 1 1  ? 13.460  1.968   4.702   1.00 32.97 ? 90  MET A N   1 
ATOM   2   C CA  . MET A 1 1  ? 13.702  2.149   6.129   1.00 33.86 ? 90  MET A CA  1 
ATOM   3   C C   . MET A 1 1  ? 13.395  0.869   6.909   1.00 34.80 ? 90  MET A C   1 
ATOM   4   O O   . MET A 1 1  ? 12.293  0.320   6.810   1.00 29.14 ? 90  MET A O   1 
ATOM   5   C CB  . MET A 1 1  ? 12.867  3.309   6.668   1.00 37.26 ? 90  MET A CB  1 
ATOM   6   C CG  . MET A 1 1  ? 13.120  3.617   8.131   1.00 32.74 ? 90  MET A CG  1 
ATOM   7   S SD  . MET A 1 1  ? 12.248  5.090   8.699   1.00 38.29 ? 90  MET A SD  1 
ATOM   8   C CE  . MET A 1 1  ? 12.457  4.929   10.465  1.00 24.64 ? 90  MET A CE  1 
ATOM   9   N N   . ILE A 1 2  ? 14.379  0.407   7.685   1.00 32.41 ? 91  ILE A N   1 
ATOM   10  C CA  . ILE A 1 2  ? 14.224  -0.837  8.427   1.00 30.17 ? 91  ILE A CA  1 
ATOM   11  C C   . ILE A 1 2  ? 13.160  -0.679  9.505   1.00 30.03 ? 91  ILE A C   1 
ATOM   12  O O   . ILE A 1 2  ? 13.092  0.340   10.204  1.00 33.30 ? 91  ILE A O   1 
ATOM   13  C CB  . ILE A 1 2  ? 15.576  -1.261  9.022   1.00 32.08 ? 91  ILE A CB  1 
ATOM   14  C CG1 . ILE A 1 2  ? 16.589  -1.499  7.906   1.00 34.90 ? 91  ILE A CG1 1 
ATOM   15  C CG2 . ILE A 1 2  ? 15.422  -2.503  9.877   1.00 36.06 ? 91  ILE A CG2 1 
ATOM   16  C CD1 . ILE A 1 2  ? 16.012  -2.281  6.734   1.00 39.49 ? 91  ILE A CD1 1 
ATOM   17  N N   . GLY A 1 3  ? 12.309  -1.696  9.633   1.00 29.90 ? 92  GLY A N   1 
ATOM   18  C CA  . GLY A 1 3  ? 11.201  -1.669  10.561  1.00 33.90 ? 92  GLY A CA  1 
ATOM   19  C C   . GLY A 1 3  ? 9.901   -1.144  9.989   1.00 29.90 ? 92  GLY A C   1 
ATOM   20  O O   . GLY A 1 3  ? 8.859   -1.277  10.644  1.00 27.51 ? 92  GLY A O   1 
ATOM   21  N N   . VAL A 1 4  ? 9.927   -0.558  8.795   1.00 25.96 ? 93  VAL A N   1 
ATOM   22  C CA  . VAL A 1 4  ? 8.738   -0.019  8.143   1.00 29.22 ? 93  VAL A CA  1 
ATOM   23  C C   . VAL A 1 4  ? 8.487   -0.837  6.882   1.00 34.21 ? 93  VAL A C   1 
ATOM   24  O O   . VAL A 1 4  ? 9.358   -0.924  6.008   1.00 34.59 ? 93  VAL A O   1 
ATOM   25  C CB  . VAL A 1 4  ? 8.901   1.472   7.814   1.00 27.31 ? 93  VAL A CB  1 
ATOM   26  C CG1 . VAL A 1 4  ? 7.832   1.919   6.830   1.00 27.81 ? 93  VAL A CG1 1 
ATOM   27  C CG2 . VAL A 1 4  ? 8.853   2.308   9.089   1.00 31.04 ? 93  VAL A CG2 1 
ATOM   28  N N   . THR A 1 5  ? 7.298   -1.430  6.784   1.00 25.01 ? 94  THR A N   1 
ATOM   29  C CA  . THR A 1 5  ? 6.983   -2.318  5.673   1.00 25.69 ? 94  THR A CA  1 
ATOM   30  C C   . THR A 1 5  ? 6.487   -1.523  4.470   1.00 26.34 ? 94  THR A C   1 
ATOM   31  O O   . THR A 1 5  ? 5.523   -0.759  4.574   1.00 23.02 ? 94  THR A O   1 
ATOM   32  C CB  . THR A 1 5  ? 5.923   -3.339  6.085   1.00 27.41 ? 94  THR A CB  1 
ATOM   33  O OG1 . THR A 1 5  ? 6.353   -4.027  7.266   1.00 25.44 ? 94  THR A OG1 1 
ATOM   34  C CG2 . THR A 1 5  ? 5.700   -4.349  4.968   1.00 24.48 ? 94  THR A CG2 1 
ATOM   35  N N   . LEU A 1 6  ? 7.136   -1.717  3.325   1.00 19.63 ? 95  LEU A N   1 
ATOM   36  C CA  . LEU A 1 6  ? 6.708   -1.087  2.082   1.00 20.91 ? 95  LEU A CA  1 
ATOM   37  C C   . LEU A 1 6  ? 5.669   -1.971  1.404   1.00 22.30 ? 95  LEU A C   1 
ATOM   38  O O   . LEU A 1 6  ? 5.880   -3.178  1.253   1.00 21.06 ? 95  LEU A O   1 
ATOM   39  C CB  . LEU A 1 6  ? 7.900   -0.855  1.152   1.00 22.07 ? 95  LEU A CB  1 
ATOM   40  C CG  . LEU A 1 6  ? 7.620   -0.114  -0.158  1.00 23.63 ? 95  LEU A CG  1 
ATOM   41  C CD1 . LEU A 1 6  ? 7.191   1.316   0.122   1.00 26.09 ? 95  LEU A CD1 1 
ATOM   42  C CD2 . LEU A 1 6  ? 8.834   -0.136  -1.074  1.00 25.62 ? 95  LEU A CD2 1 
ATOM   43  N N   . PHE A 1 7  ? 4.549   -1.372  1.011   1.00 17.06 ? 96  PHE A N   1 
ATOM   44  C CA  . PHE A 1 7  ? 3.483   -2.074  0.312   1.00 18.63 ? 96  PHE A CA  1 
ATOM   45  C C   . PHE A 1 7  ? 3.404   -1.607  -1.136  1.00 21.02 ? 96  PHE A C   1 
ATOM   46  O O   . PHE A 1 7  ? 3.796   -0.483  -1.462  1.00 19.45 ? 96  PHE A O   1 
ATOM   47  C CB  . PHE A 1 7  ? 2.134   -1.853  1.000   1.00 17.90 ? 96  PHE A CB  1 
ATOM   48  C CG  . PHE A 1 7  ? 1.940   -2.693  2.224   1.00 21.01 ? 96  PHE A CG  1 
ATOM   49  C CD1 . PHE A 1 7  ? 1.138   -3.823  2.184   1.00 20.40 ? 96  PHE A CD1 1 
ATOM   50  C CD2 . PHE A 1 7  ? 2.568   -2.359  3.413   1.00 20.02 ? 96  PHE A CD2 1 
ATOM   51  C CE1 . PHE A 1 7  ? 0.957   -4.599  3.313   1.00 24.62 ? 96  PHE A CE1 1 
ATOM   52  C CE2 . PHE A 1 7  ? 2.393   -3.133  4.547   1.00 23.08 ? 96  PHE A CE2 1 
ATOM   53  C CZ  . PHE A 1 7  ? 1.585   -4.254  4.496   1.00 20.79 ? 96  PHE A CZ  1 
ATOM   54  N N   . ILE A 1 8  ? 2.884   -2.476  -2.002  1.00 18.49 ? 97  ILE A N   1 
ATOM   55  C CA  . ILE A 1 8  ? 2.735   -2.168  -3.421  1.00 15.85 ? 97  ILE A CA  1 
ATOM   56  C C   . ILE A 1 8  ? 1.329   -2.550  -3.867  1.00 18.38 ? 97  ILE A C   1 
ATOM   57  O O   . ILE A 1 8  ? 0.788   -3.578  -3.444  1.00 19.22 ? 97  ILE A O   1 
ATOM   58  C CB  . ILE A 1 8  ? 3.804   -2.882  -4.282  1.00 18.09 ? 97  ILE A CB  1 
ATOM   59  C CG1 . ILE A 1 8  ? 3.685   -2.449  -5.747  1.00 17.02 ? 97  ILE A CG1 1 
ATOM   60  C CG2 . ILE A 1 8  ? 3.692   -4.399  -4.155  1.00 18.79 ? 97  ILE A CG2 1 
ATOM   61  C CD1 . ILE A 1 8  ? 4.674   -3.122  -6.670  1.00 19.04 ? 97  ILE A CD1 1 
ATOM   62  N N   . ALA A 1 9  ? 0.730   -1.711  -4.709  1.00 16.88 ? 98  ALA A N   1 
ATOM   63  C CA  . ALA A 1 9  ? -0.595  -1.989  -5.242  1.00 19.18 ? 98  ALA A CA  1 
ATOM   64  C C   . ALA A 1 9  ? -0.514  -3.030  -6.352  1.00 20.35 ? 98  ALA A C   1 
ATOM   65  O O   . ALA A 1 9  ? 0.304   -2.912  -7.270  1.00 19.08 ? 98  ALA A O   1 
ATOM   66  C CB  . ALA A 1 9  ? -1.237  -0.708  -5.772  1.00 19.61 ? 98  ALA A CB  1 
ATOM   67  N N   . LEU A 1 10 ? -1.365  -4.050  -6.268  1.00 25.03 ? 99  LEU A N   1 
ATOM   68  C CA  . LEU A 1 10 ? -1.435  -5.059  -7.316  1.00 26.81 ? 99  LEU A CA  1 
ATOM   69  C C   . LEU A 1 10 ? -2.475  -4.739  -8.381  1.00 26.21 ? 99  LEU A C   1 
ATOM   70  O O   . LEU A 1 10 ? -2.447  -5.348  -9.457  1.00 21.78 ? 99  LEU A O   1 
ATOM   71  C CB  . LEU A 1 10 ? -1.741  -6.430  -6.704  1.00 23.38 ? 99  LEU A CB  1 
ATOM   72  C CG  . LEU A 1 10 ? -0.716  -6.934  -5.686  1.00 28.45 ? 99  LEU A CG  1 
ATOM   73  C CD1 . LEU A 1 10 ? -1.151  -8.271  -5.114  1.00 30.33 ? 99  LEU A CD1 1 
ATOM   74  C CD2 . LEU A 1 10 ? 0.665   -7.034  -6.315  1.00 29.48 ? 99  LEU A CD2 1 
ATOM   75  N N   . TYR A 1 11 ? -3.386  -3.804  -8.107  1.00 21.88 ? 100 TYR A N   1 
ATOM   76  C CA  . TYR A 1 11 ? -4.446  -3.445  -9.038  1.00 23.09 ? 100 TYR A CA  1 
ATOM   77  C C   . TYR A 1 11 ? -4.686  -1.943  -8.982  1.00 24.09 ? 100 TYR A C   1 
ATOM   78  O O   . TYR A 1 11 ? -4.294  -1.266  -8.028  1.00 21.14 ? 100 TYR A O   1 
ATOM   79  C CB  . TYR A 1 11 ? -5.759  -4.183  -8.725  1.00 21.42 ? 100 TYR A CB  1 
ATOM   80  C CG  . TYR A 1 11 ? -5.584  -5.618  -8.280  1.00 23.61 ? 100 TYR A CG  1 
ATOM   81  C CD1 . TYR A 1 11 ? -5.491  -6.647  -9.208  1.00 26.92 ? 100 TYR A CD1 1 
ATOM   82  C CD2 . TYR A 1 11 ? -5.526  -5.946  -6.932  1.00 26.43 ? 100 TYR A CD2 1 
ATOM   83  C CE1 . TYR A 1 11 ? -5.333  -7.960  -8.805  1.00 28.19 ? 100 TYR A CE1 1 
ATOM   84  C CE2 . TYR A 1 11 ? -5.371  -7.260  -6.518  1.00 27.14 ? 100 TYR A CE2 1 
ATOM   85  C CZ  . TYR A 1 11 ? -5.273  -8.261  -7.460  1.00 29.49 ? 100 TYR A CZ  1 
ATOM   86  O OH  . TYR A 1 11 ? -5.121  -9.569  -7.060  1.00 30.39 ? 100 TYR A OH  1 
ATOM   87  N N   . ASP A 1 12 ? -5.338  -1.428  -10.023 1.00 20.87 ? 101 ASP A N   1 
ATOM   88  C CA  . ASP A 1 12 ? -5.830  -0.057  -10.025 1.00 22.42 ? 101 ASP A CA  1 
ATOM   89  C C   . ASP A 1 12 ? -7.063  0.063   -9.134  1.00 23.83 ? 101 ASP A C   1 
ATOM   90  O O   . ASP A 1 12 ? -7.844  -0.881  -8.989  1.00 22.64 ? 101 ASP A O   1 
ATOM   91  C CB  . ASP A 1 12 ? -6.188  0.393   -11.444 1.00 25.66 ? 101 ASP A CB  1 
ATOM   92  C CG  . ASP A 1 12 ? -5.020  0.302   -12.403 1.00 30.52 ? 101 ASP A CG  1 
ATOM   93  O OD1 . ASP A 1 12 ? -3.874  0.559   -11.982 1.00 28.23 ? 101 ASP A OD1 1 
ATOM   94  O OD2 . ASP A 1 12 ? -5.250  -0.026  -13.586 1.00 37.41 ? 101 ASP A OD2 1 
ATOM   95  N N   . TYR A 1 13 ? -7.242  1.242   -8.541  1.00 22.37 ? 102 TYR A N   1 
ATOM   96  C CA  . TYR A 1 13 ? -8.401  1.476   -7.684  1.00 18.14 ? 102 TYR A CA  1 
ATOM   97  C C   . TYR A 1 13 ? -8.830  2.932   -7.781  1.00 21.73 ? 102 TYR A C   1 
ATOM   98  O O   . TYR A 1 13 ? -8.028  3.834   -7.525  1.00 21.21 ? 102 TYR A O   1 
ATOM   99  C CB  . TYR A 1 13 ? -8.096  1.105   -6.230  1.00 19.96 ? 102 TYR A CB  1 
ATOM   100 C CG  . TYR A 1 13 ? -9.227  1.424   -5.283  1.00 20.13 ? 102 TYR A CG  1 
ATOM   101 C CD1 . TYR A 1 13 ? -10.343 0.601   -5.207  1.00 25.19 ? 102 TYR A CD1 1 
ATOM   102 C CD2 . TYR A 1 13 ? -9.182  2.547   -4.465  1.00 24.40 ? 102 TYR A CD2 1 
ATOM   103 C CE1 . TYR A 1 13 ? -11.384 0.885   -4.346  1.00 23.28 ? 102 TYR A CE1 1 
ATOM   104 C CE2 . TYR A 1 13 ? -10.223 2.842   -3.596  1.00 24.27 ? 102 TYR A CE2 1 
ATOM   105 C CZ  . TYR A 1 13 ? -11.320 2.006   -3.544  1.00 24.54 ? 102 TYR A CZ  1 
ATOM   106 O OH  . TYR A 1 13 ? -12.362 2.285   -2.691  1.00 26.37 ? 102 TYR A OH  1 
ATOM   107 N N   . GLU A 1 14 ? -10.090 3.153   -8.146  1.00 19.14 ? 103 GLU A N   1 
ATOM   108 C CA  . GLU A 1 14 ? -10.677 4.487   -8.150  1.00 23.13 ? 103 GLU A CA  1 
ATOM   109 C C   . GLU A 1 14 ? -11.364 4.736   -6.813  1.00 21.21 ? 103 GLU A C   1 
ATOM   110 O O   . GLU A 1 14 ? -12.149 3.902   -6.350  1.00 23.68 ? 103 GLU A O   1 
ATOM   111 C CB  . GLU A 1 14 ? -11.682 4.635   -9.294  1.00 21.68 ? 103 GLU A CB  1 
ATOM   112 C CG  . GLU A 1 14 ? -12.246 6.040   -9.450  1.00 24.27 ? 103 GLU A CG  1 
ATOM   113 C CD  . GLU A 1 14 ? -11.194 7.046   -9.873  1.00 30.21 ? 103 GLU A CD  1 
ATOM   114 O OE1 . GLU A 1 14 ? -10.346 6.704   -10.725 1.00 27.92 ? 103 GLU A OE1 1 
ATOM   115 O OE2 . GLU A 1 14 ? -11.207 8.177   -9.345  1.00 32.69 ? 103 GLU A OE2 1 
ATOM   116 N N   . ALA A 1 15 ? -11.065 5.881   -6.201  1.00 17.32 ? 104 ALA A N   1 
ATOM   117 C CA  . ALA A 1 15 ? -11.655 6.233   -4.914  1.00 19.65 ? 104 ALA A CA  1 
ATOM   118 C C   . ALA A 1 15 ? -13.174 6.154   -4.975  1.00 21.66 ? 104 ALA A C   1 
ATOM   119 O O   . ALA A 1 15 ? -13.797 6.656   -5.914  1.00 24.29 ? 104 ALA A O   1 
ATOM   120 C CB  . ALA A 1 15 ? -11.219 7.639   -4.502  1.00 18.27 ? 104 ALA A CB  1 
ATOM   121 N N   . ARG A 1 16 ? -13.768 5.519   -3.966  1.00 20.94 ? 105 ARG A N   1 
ATOM   122 C CA  . ARG A 1 16 ? -15.214 5.373   -3.887  1.00 25.82 ? 105 ARG A CA  1 
ATOM   123 C C   . ARG A 1 16 ? -15.860 6.281   -2.850  1.00 28.88 ? 105 ARG A C   1 
ATOM   124 O O   . ARG A 1 16 ? -17.086 6.433   -2.864  1.00 27.98 ? 105 ARG A O   1 
ATOM   125 C CB  . ARG A 1 16 ? -15.586 3.919   -3.574  1.00 28.12 ? 105 ARG A CB  1 
ATOM   126 C CG  . ARG A 1 16 ? -15.009 2.907   -4.544  1.00 30.00 ? 105 ARG A CG  1 
ATOM   127 C CD  . ARG A 1 16 ? -15.524 1.508   -4.243  1.00 29.81 ? 105 ARG A CD  1 
ATOM   128 N NE  . ARG A 1 16 ? -15.122 0.548   -5.267  1.00 35.09 ? 105 ARG A NE  1 
ATOM   129 C CZ  . ARG A 1 16 ? -15.288 -0.766  -5.163  1.00 39.24 ? 105 ARG A CZ  1 
ATOM   130 N NH1 . ARG A 1 16 ? -15.854 -1.281  -4.080  1.00 40.80 ? 105 ARG A NH1 1 
ATOM   131 N NH2 . ARG A 1 16 ? -14.891 -1.566  -6.145  1.00 39.70 ? 105 ARG A NH2 1 
ATOM   132 N N   . THR A 1 17 ? -15.077 6.865   -1.943  1.00 28.12 ? 106 THR A N   1 
ATOM   133 C CA  . THR A 1 17 ? -15.569 7.812   -0.952  1.00 23.52 ? 106 THR A CA  1 
ATOM   134 C C   . THR A 1 17 ? -14.601 8.983   -0.867  1.00 27.23 ? 106 THR A C   1 
ATOM   135 O O   . THR A 1 17 ? -13.521 8.971   -1.461  1.00 23.86 ? 106 THR A O   1 
ATOM   136 C CB  . THR A 1 17 ? -15.724 7.171   0.436   1.00 27.42 ? 106 THR A CB  1 
ATOM   137 O OG1 . THR A 1 17 ? -14.432 6.814   0.945   1.00 30.59 ? 106 THR A OG1 1 
ATOM   138 C CG2 . THR A 1 17 ? -16.598 5.922   0.371   1.00 25.76 ? 106 THR A CG2 1 
ATOM   139 N N   . GLU A 1 18 ? -14.988 9.997   -0.089  1.00 26.45 ? 107 GLU A N   1 
ATOM   140 C CA  . GLU A 1 18 ? -14.167 11.196  0.030   1.00 27.75 ? 107 GLU A CA  1 
ATOM   141 C C   . GLU A 1 18 ? -12.832 10.933  0.716   1.00 26.34 ? 107 GLU A C   1 
ATOM   142 O O   . GLU A 1 18 ? -11.888 11.706  0.522   1.00 30.59 ? 107 GLU A O   1 
ATOM   143 C CB  . GLU A 1 18 ? -14.934 12.285  0.786   1.00 35.36 ? 107 GLU A CB  1 
ATOM   144 N N   . ASP A 1 19 ? -12.723 9.870   1.509   1.00 22.12 ? 108 ASP A N   1 
ATOM   145 C CA  . ASP A 1 19 ? -11.490 9.570   2.226   1.00 22.65 ? 108 ASP A CA  1 
ATOM   146 C C   . ASP A 1 19 ? -10.644 8.504   1.544   1.00 20.86 ? 108 ASP A C   1 
ATOM   147 O O   . ASP A 1 19 ? -9.565  8.179   2.049   1.00 20.50 ? 108 ASP A O   1 
ATOM   148 C CB  . ASP A 1 19 ? -11.801 9.131   3.662   1.00 26.94 ? 108 ASP A CB  1 
ATOM   149 C CG  . ASP A 1 19 ? -11.987 10.304  4.611   1.00 32.46 ? 108 ASP A CG  1 
ATOM   150 O OD1 . ASP A 1 19 ? -11.885 11.466  4.167   1.00 29.61 ? 108 ASP A OD1 1 
ATOM   151 O OD2 . ASP A 1 19 ? -12.227 10.059  5.811   1.00 38.23 ? 108 ASP A OD2 1 
ATOM   152 N N   . ASP A 1 20 ? -11.103 7.948   0.427   1.00 20.95 ? 109 ASP A N   1 
ATOM   153 C CA  . ASP A 1 20 ? -10.349 6.921   -0.278  1.00 21.29 ? 109 ASP A CA  1 
ATOM   154 C C   . ASP A 1 20 ? -9.218  7.540   -1.087  1.00 25.53 ? 109 ASP A C   1 
ATOM   155 O O   . ASP A 1 20 ? -9.293  8.692   -1.524  1.00 18.54 ? 109 ASP A O   1 
ATOM   156 C CB  . ASP A 1 20 ? -11.245 6.131   -1.234  1.00 21.92 ? 109 ASP A CB  1 
ATOM   157 C CG  . ASP A 1 20 ? -12.029 5.031   -0.550  1.00 26.70 ? 109 ASP A CG  1 
ATOM   158 O OD1 . ASP A 1 20 ? -11.910 4.864   0.682   1.00 22.75 ? 109 ASP A OD1 1 
ATOM   159 O OD2 . ASP A 1 20 ? -12.769 4.321   -1.267  1.00 24.74 ? 109 ASP A OD2 1 
ATOM   160 N N   . LEU A 1 21 ? -8.171  6.751   -1.300  1.00 21.44 ? 110 LEU A N   1 
ATOM   161 C CA  . LEU A 1 21 ? -7.129  7.088   -2.252  1.00 19.67 ? 110 LEU A CA  1 
ATOM   162 C C   . LEU A 1 21 ? -7.460  6.482   -3.609  1.00 21.01 ? 110 LEU A C   1 
ATOM   163 O O   . LEU A 1 21 ? -8.069  5.414   -3.704  1.00 24.68 ? 110 LEU A O   1 
ATOM   164 C CB  . LEU A 1 21 ? -5.767  6.563   -1.795  1.00 23.78 ? 110 LEU A CB  1 
ATOM   165 C CG  . LEU A 1 21 ? -5.025  7.289   -0.679  1.00 26.14 ? 110 LEU A CG  1 
ATOM   166 C CD1 . LEU A 1 21 ? -3.651  6.669   -0.502  1.00 23.42 ? 110 LEU A CD1 1 
ATOM   167 C CD2 . LEU A 1 21 ? -4.921  8.780   -0.961  1.00 27.95 ? 110 LEU A CD2 1 
ATOM   168 N N   . THR A 1 22 ? -7.053  7.177   -4.661  1.00 15.92 ? 111 THR A N   1 
ATOM   169 C CA  . THR A 1 22 ? -7.021  6.612   -6.001  1.00 18.69 ? 111 THR A CA  1 
ATOM   170 C C   . THR A 1 22 ? -5.575  6.256   -6.310  1.00 21.43 ? 111 THR A C   1 
ATOM   171 O O   . THR A 1 22 ? -4.671  7.047   -6.025  1.00 21.79 ? 111 THR A O   1 
ATOM   172 C CB  . THR A 1 22 ? -7.568  7.598   -7.036  1.00 21.35 ? 111 THR A CB  1 
ATOM   173 O OG1 . THR A 1 22 ? -8.972  7.792   -6.822  1.00 23.41 ? 111 THR A OG1 1 
ATOM   174 C CG2 . THR A 1 22 ? -7.348  7.076   -8.445  1.00 22.22 ? 111 THR A CG2 1 
ATOM   175 N N   . PHE A 1 23 ? -5.350  5.064   -6.860  1.00 16.01 ? 112 PHE A N   1 
ATOM   176 C CA  . PHE A 1 23 ? -3.983  4.648   -7.136  1.00 23.14 ? 112 PHE A CA  1 
ATOM   177 C C   . PHE A 1 23 ? -3.944  3.687   -8.314  1.00 21.56 ? 112 PHE A C   1 
ATOM   178 O O   . PHE A 1 23 ? -4.961  3.115   -8.714  1.00 18.93 ? 112 PHE A O   1 
ATOM   179 C CB  . PHE A 1 23 ? -3.323  4.010   -5.905  1.00 18.10 ? 112 PHE A CB  1 
ATOM   180 C CG  . PHE A 1 23 ? -4.079  2.839   -5.326  1.00 19.42 ? 112 PHE A CG  1 
ATOM   181 C CD1 . PHE A 1 23 ? -3.902  1.559   -5.824  1.00 17.91 ? 112 PHE A CD1 1 
ATOM   182 C CD2 . PHE A 1 23 ? -4.931  3.018   -4.245  1.00 20.00 ? 112 PHE A CD2 1 
ATOM   183 C CE1 . PHE A 1 23 ? -4.579  0.481   -5.277  1.00 17.79 ? 112 PHE A CE1 1 
ATOM   184 C CE2 . PHE A 1 23 ? -5.613  1.941   -3.689  1.00 18.10 ? 112 PHE A CE2 1 
ATOM   185 C CZ  . PHE A 1 23 ? -5.430  0.672   -4.202  1.00 21.86 ? 112 PHE A CZ  1 
ATOM   186 N N   . THR A 1 24 ? -2.744  3.518   -8.861  1.00 17.39 ? 113 THR A N   1 
ATOM   187 C CA  . THR A 1 24 ? -2.493  2.619   -9.975  1.00 21.87 ? 113 THR A CA  1 
ATOM   188 C C   . THR A 1 24 ? -1.647  1.441   -9.505  1.00 20.07 ? 113 THR A C   1 
ATOM   189 O O   . THR A 1 24 ? -0.966  1.510   -8.477  1.00 19.48 ? 113 THR A O   1 
ATOM   190 C CB  . THR A 1 24 ? -1.794  3.352   -11.129 1.00 26.48 ? 113 THR A CB  1 
ATOM   191 O OG1 . THR A 1 24 ? -1.650  2.466   -12.245 1.00 34.10 ? 113 THR A OG1 1 
ATOM   192 C CG2 . THR A 1 24 ? -0.419  3.848   -10.694 1.00 26.70 ? 113 THR A CG2 1 
ATOM   193 N N   . LYS A 1 25 ? -1.697  0.346   -10.260 1.00 24.15 ? 114 LYS A N   1 
ATOM   194 C CA  . LYS A 1 25 ? -0.902  -0.813  -9.882  1.00 18.72 ? 114 LYS A CA  1 
ATOM   195 C C   . LYS A 1 25 ? 0.582   -0.474  -9.954  1.00 19.89 ? 114 LYS A C   1 
ATOM   196 O O   . LYS A 1 25 ? 1.035   0.238   -10.855 1.00 18.13 ? 114 LYS A O   1 
ATOM   197 C CB  . LYS A 1 25 ? -1.245  -2.020  -10.762 1.00 27.55 ? 114 LYS A CB  1 
ATOM   198 C CG  . LYS A 1 25 ? -1.160  -1.789  -12.251 1.00 28.97 ? 114 LYS A CG  1 
ATOM   199 C CD  . LYS A 1 25 ? -1.420  -3.088  -13.004 1.00 34.02 ? 114 LYS A CD  1 
ATOM   200 C CE  . LYS A 1 25 ? -2.050  -2.821  -14.361 1.00 42.53 ? 114 LYS A CE  1 
ATOM   201 N N   . GLY A 1 26 ? 1.332   -0.956  -8.962  1.00 22.10 ? 115 GLY A N   1 
ATOM   202 C CA  . GLY A 1 26 ? 2.725   -0.616  -8.792  1.00 21.23 ? 115 GLY A CA  1 
ATOM   203 C C   . GLY A 1 26 ? 2.983   0.490   -7.786  1.00 20.97 ? 115 GLY A C   1 
ATOM   204 O O   . GLY A 1 26 ? 4.114   0.620   -7.303  1.00 21.35 ? 115 GLY A O   1 
ATOM   205 N N   . GLU A 1 27 ? 1.952   1.265   -7.462  1.00 16.53 ? 116 GLU A N   1 
ATOM   206 C CA  . GLU A 1 27 ? 2.081   2.369   -6.489  1.00 20.78 ? 116 GLU A CA  1 
ATOM   207 C C   . GLU A 1 27 ? 2.557   1.836   -5.130  1.00 19.15 ? 116 GLU A C   1 
ATOM   208 O O   . GLU A 1 27 ? 2.110   0.778   -4.733  1.00 18.04 ? 116 GLU A O   1 
ATOM   209 C CB  . GLU A 1 27 ? 0.790   3.172   -6.389  1.00 20.25 ? 116 GLU A CB  1 
ATOM   210 C CG  . GLU A 1 27 ? 0.943   4.553   -5.796  1.00 24.81 ? 116 GLU A CG  1 
ATOM   211 C CD  . GLU A 1 27 ? -0.133  5.529   -6.241  1.00 25.18 ? 116 GLU A CD  1 
ATOM   212 O OE1 . GLU A 1 27 ? -0.582  5.434   -7.385  1.00 25.26 ? 116 GLU A OE1 1 
ATOM   213 O OE2 . GLU A 1 27 ? -0.514  6.379   -5.440  1.00 29.13 ? 116 GLU A OE2 1 
ATOM   214 N N   . LYS A 1 28 ? 3.456   2.575   -4.497  1.00 18.53 ? 117 LYS A N   1 
ATOM   215 C CA  . LYS A 1 28 ? 3.999   2.171   -3.209  1.00 18.45 ? 117 LYS A CA  1 
ATOM   216 C C   . LYS A 1 28 ? 3.310   2.936   -2.085  1.00 18.64 ? 117 LYS A C   1 
ATOM   217 O O   . LYS A 1 28 ? 2.898   4.087   -2.258  1.00 19.41 ? 117 LYS A O   1 
ATOM   218 C CB  . LYS A 1 28 ? 5.512   2.406   -3.158  1.00 18.88 ? 117 LYS A CB  1 
ATOM   219 C CG  . LYS A 1 28 ? 6.295   1.707   -4.271  1.00 19.46 ? 117 LYS A CG  1 
ATOM   220 C CD  . LYS A 1 28 ? 6.026   0.209   -4.291  1.00 18.28 ? 117 LYS A CD  1 
ATOM   221 C CE  . LYS A 1 28 ? 6.915   -0.497  -5.302  1.00 21.42 ? 117 LYS A CE  1 
ATOM   222 N NZ  . LYS A 1 28 ? 6.721   0.045   -6.683  1.00 19.12 ? 117 LYS A NZ  1 
ATOM   223 N N   . PHE A 1 29 ? 3.183   2.283   -0.927  1.00 17.37 ? 118 PHE A N   1 
ATOM   224 C CA  . PHE A 1 29 ? 2.459   2.843   0.205   1.00 18.72 ? 118 PHE A CA  1 
ATOM   225 C C   . PHE A 1 29 ? 3.170   2.520   1.510   1.00 18.32 ? 118 PHE A C   1 
ATOM   226 O O   . PHE A 1 29 ? 3.858   1.503   1.633   1.00 17.94 ? 118 PHE A O   1 
ATOM   227 C CB  . PHE A 1 29 ? 1.028   2.294   0.322   1.00 18.04 ? 118 PHE A CB  1 
ATOM   228 C CG  . PHE A 1 29 ? 0.195   2.499   -0.900  1.00 16.43 ? 118 PHE A CG  1 
ATOM   229 C CD1 . PHE A 1 29 ? -0.576  3.637   -1.047  1.00 18.38 ? 118 PHE A CD1 1 
ATOM   230 C CD2 . PHE A 1 29 ? 0.182   1.547   -1.905  1.00 22.47 ? 118 PHE A CD2 1 
ATOM   231 C CE1 . PHE A 1 29 ? -1.347  3.822   -2.179  1.00 22.87 ? 118 PHE A CE1 1 
ATOM   232 C CE2 . PHE A 1 29 ? -0.582  1.726   -3.038  1.00 22.67 ? 118 PHE A CE2 1 
ATOM   233 C CZ  . PHE A 1 29 ? -1.348  2.864   -3.176  1.00 21.48 ? 118 PHE A CZ  1 
ATOM   234 N N   . HIS A 1 30 ? 2.974   3.394   2.490   1.00 16.07 ? 119 HIS A N   1 
ATOM   235 C CA  . HIS A 1 30 ? 3.160   3.076   3.896   1.00 17.08 ? 119 HIS A CA  1 
ATOM   236 C C   . HIS A 1 30 ? 1.787   2.976   4.544   1.00 20.53 ? 119 HIS A C   1 
ATOM   237 O O   . HIS A 1 30 ? 0.905   3.795   4.269   1.00 18.41 ? 119 HIS A O   1 
ATOM   238 C CB  . HIS A 1 30 ? 3.994   4.144   4.608   1.00 24.88 ? 119 HIS A CB  1 
ATOM   239 C CG  . HIS A 1 30 ? 5.451   4.100   4.271   1.00 26.34 ? 119 HIS A CG  1 
ATOM   240 N ND1 . HIS A 1 30 ? 6.081   2.952   3.843   1.00 27.06 ? 119 HIS A ND1 1 
ATOM   241 C CD2 . HIS A 1 30 ? 6.402   5.063   4.298   1.00 29.83 ? 119 HIS A CD2 1 
ATOM   242 C CE1 . HIS A 1 30 ? 7.357   3.209   3.619   1.00 30.17 ? 119 HIS A CE1 1 
ATOM   243 N NE2 . HIS A 1 30 ? 7.578   4.483   3.888   1.00 30.36 ? 119 HIS A NE2 1 
ATOM   244 N N   . ILE A 1 31 ? 1.600   1.972   5.396   1.00 18.66 ? 120 ILE A N   1 
ATOM   245 C CA  . ILE A 1 31 ? 0.328   1.775   6.084   1.00 19.68 ? 120 ILE A CA  1 
ATOM   246 C C   . ILE A 1 31 ? 0.357   2.543   7.397   1.00 18.34 ? 120 ILE A C   1 
ATOM   247 O O   . ILE A 1 31 ? 1.330   2.456   8.157   1.00 18.80 ? 120 ILE A O   1 
ATOM   248 C CB  . ILE A 1 31 ? 0.050   0.281   6.316   1.00 24.89 ? 120 ILE A CB  1 
ATOM   249 C CG1 . ILE A 1 31 ? 0.059   -0.463  4.978   1.00 20.62 ? 120 ILE A CG1 1 
ATOM   250 C CG2 . ILE A 1 31 ? -1.277  0.089   7.043   1.00 21.78 ? 120 ILE A CG2 1 
ATOM   251 C CD1 . ILE A 1 31 ? -0.905  0.109   3.946   1.00 19.44 ? 120 ILE A CD1 1 
ATOM   252 N N   . LEU A 1 32 ? -0.703  3.307   7.660   1.00 17.10 ? 121 LEU A N   1 
ATOM   253 C CA  . LEU A 1 32 ? -0.767  4.156   8.842   1.00 18.54 ? 121 LEU A CA  1 
ATOM   254 C C   . LEU A 1 32 ? -1.752  3.672   9.895   1.00 20.54 ? 121 LEU A C   1 
ATOM   255 O O   . LEU A 1 32 ? -1.565  3.972   11.076  1.00 20.32 ? 121 LEU A O   1 
ATOM   256 C CB  . LEU A 1 32 ? -1.142  5.590   8.445   1.00 18.06 ? 121 LEU A CB  1 
ATOM   257 C CG  . LEU A 1 32 ? -0.391  6.218   7.269   1.00 18.83 ? 121 LEU A CG  1 
ATOM   258 C CD1 . LEU A 1 32 ? -0.819  7.664   7.093   1.00 21.54 ? 121 LEU A CD1 1 
ATOM   259 C CD2 . LEU A 1 32 ? 1.122   6.124   7.452   1.00 16.27 ? 121 LEU A CD2 1 
ATOM   260 N N   . ASN A 1 33 ? -2.788  2.935   9.497   1.00 20.10 ? 122 ASN A N   1 
ATOM   261 C CA  . ASN A 1 33 ? -3.843  2.498   10.410  1.00 19.28 ? 122 ASN A CA  1 
ATOM   262 C C   . ASN A 1 33 ? -4.610  1.377   9.733   1.00 26.27 ? 122 ASN A C   1 
ATOM   263 O O   . ASN A 1 33 ? -5.181  1.585   8.658   1.00 23.07 ? 122 ASN A O   1 
ATOM   264 C CB  . ASN A 1 33 ? -4.781  3.658   10.759  1.00 20.89 ? 122 ASN A CB  1 
ATOM   265 C CG  . ASN A 1 33 ? -5.743  3.314   11.887  1.00 26.96 ? 122 ASN A CG  1 
ATOM   266 O OD1 . ASN A 1 33 ? -5.915  2.149   12.242  1.00 23.20 ? 122 ASN A OD1 1 
ATOM   267 N ND2 . ASN A 1 33 ? -6.388  4.331   12.442  1.00 25.12 ? 122 ASN A ND2 1 
ATOM   268 N N   . ASN A 1 34 ? -4.637  0.198   10.354  1.00 20.23 ? 123 ASN A N   1 
ATOM   269 C CA  . ASN A 1 34 ? -5.289  -0.966  9.767   1.00 29.45 ? 123 ASN A CA  1 
ATOM   270 C C   . ASN A 1 34 ? -6.538  -1.400  10.522  1.00 31.15 ? 123 ASN A C   1 
ATOM   271 O O   . ASN A 1 34 ? -7.049  -2.497  10.270  1.00 32.46 ? 123 ASN A O   1 
ATOM   272 C CB  . ASN A 1 34 ? -4.291  -2.127  9.660   1.00 27.09 ? 123 ASN A CB  1 
ATOM   273 C CG  . ASN A 1 34 ? -3.903  -2.716  11.016  1.00 32.87 ? 123 ASN A CG  1 
ATOM   274 O OD1 . ASN A 1 34 ? -4.466  -2.374  12.056  1.00 36.49 ? 123 ASN A OD1 1 
ATOM   275 N ND2 . ASN A 1 34 ? -2.930  -3.621  11.000  1.00 41.84 ? 123 ASN A ND2 1 
ATOM   276 N N   . THR A 1 35 ? -7.053  -0.559  11.425  1.00 31.74 ? 124 THR A N   1 
ATOM   277 C CA  . THR A 1 35 ? -8.079  -1.002  12.364  1.00 34.39 ? 124 THR A CA  1 
ATOM   278 C C   . THR A 1 35 ? -9.420  -1.289  11.697  1.00 39.15 ? 124 THR A C   1 
ATOM   279 O O   . THR A 1 35 ? -10.203 -2.080  12.234  1.00 44.97 ? 124 THR A O   1 
ATOM   280 C CB  . THR A 1 35 ? -8.262  0.033   13.478  1.00 38.02 ? 124 THR A CB  1 
ATOM   281 O OG1 . THR A 1 35 ? -8.410  1.339   12.908  1.00 38.29 ? 124 THR A OG1 1 
ATOM   282 C CG2 . THR A 1 35 ? -7.052  0.030   14.400  1.00 35.20 ? 124 THR A CG2 1 
ATOM   283 N N   . GLU A 1 36 ? -9.724  -0.661  10.570  1.00 36.14 ? 125 GLU A N   1 
ATOM   284 C CA  . GLU A 1 36 ? -10.984 -0.968  9.854   1.00 37.18 ? 125 GLU A CA  1 
ATOM   285 C C   . GLU A 1 36 ? -10.961 -2.389  9.262   1.00 37.92 ? 125 GLU A C   1 
ATOM   286 O O   . GLU A 1 36 ? -12.039 -2.896  8.952   1.00 40.83 ? 125 GLU A O   1 
ATOM   287 C CB  . GLU A 1 36 ? -11.295 0.094   8.807   1.00 38.37 ? 125 GLU A CB  1 
ATOM   288 C CG  . GLU A 1 36 ? -12.219 1.207   9.242   1.00 42.43 ? 125 GLU A CG  1 
ATOM   289 C CD  . GLU A 1 36 ? -12.669 2.060   8.070   1.00 48.06 ? 125 GLU A CD  1 
ATOM   290 O OE1 . GLU A 1 36 ? -13.797 1.859   7.599   1.00 48.58 ? 125 GLU A OE1 1 
ATOM   291 O OE2 . GLU A 1 36 ? -11.895 2.936   7.639   1.00 40.07 ? 125 GLU A OE2 1 
ATOM   292 N N   . GLY A 1 37 ? -9.787  -3.001  9.109   1.00 36.23 ? 126 GLY A N   1 
ATOM   293 C CA  . GLY A 1 37 ? -9.710  -4.359  8.606   1.00 32.83 ? 126 GLY A CA  1 
ATOM   294 C C   . GLY A 1 37 ? -9.726  -4.448  7.093   1.00 34.01 ? 126 GLY A C   1 
ATOM   295 O O   . GLY A 1 37 ? -8.674  -4.592  6.462   1.00 33.76 ? 126 GLY A O   1 
ATOM   296 N N   . ASP A 1 38 ? -10.892 -4.320  6.491   1.00 29.22 ? 127 ASP A N   1 
ATOM   297 C CA  . ASP A 1 38 ? -10.988 -4.463  5.025   1.00 30.47 ? 127 ASP A CA  1 
ATOM   298 C C   . ASP A 1 38 ? -10.483 -3.197  4.336   1.00 30.46 ? 127 ASP A C   1 
ATOM   299 O O   . ASP A 1 38 ? -10.266 -3.250  3.135   1.00 26.49 ? 127 ASP A O   1 
ATOM   300 C CB  . ASP A 1 38 ? -12.412 -4.813  4.615   1.00 35.78 ? 127 ASP A CB  1 
ATOM   301 C CG  . ASP A 1 38 ? -12.917 -6.075  5.281   1.00 46.99 ? 127 ASP A CG  1 
ATOM   302 O OD1 . ASP A 1 38 ? -12.344 -7.147  5.013   1.00 56.63 ? 127 ASP A OD1 1 
ATOM   303 O OD2 . ASP A 1 38 ? -13.868 -5.972  6.069   1.00 61.94 ? 127 ASP A OD2 1 
ATOM   304 N N   . TRP A 1 39 ? -10.346 -2.112  5.084   1.00 26.33 ? 128 TRP A N   1 
ATOM   305 C CA  . TRP A 1 39 ? -9.831  -0.861  4.548   1.00 23.80 ? 128 TRP A CA  1 
ATOM   306 C C   . TRP A 1 39 ? -8.736  -0.357  5.473   1.00 24.40 ? 128 TRP A C   1 
ATOM   307 O O   . TRP A 1 39 ? -8.898  -0.380  6.697   1.00 27.82 ? 128 TRP A O   1 
ATOM   308 C CB  . TRP A 1 39 ? -10.949 0.177   4.414   1.00 28.98 ? 128 TRP A CB  1 
ATOM   309 C CG  . TRP A 1 39 ? -12.028 -0.280  3.495   1.00 33.01 ? 128 TRP A CG  1 
ATOM   310 C CD1 . TRP A 1 39 ? -13.120 -1.033  3.820   1.00 36.02 ? 128 TRP A CD1 1 
ATOM   311 C CD2 . TRP A 1 39 ? -12.113 -0.035  2.089   1.00 31.32 ? 128 TRP A CD2 1 
ATOM   312 N NE1 . TRP A 1 39 ? -13.885 -1.264  2.702   1.00 34.12 ? 128 TRP A NE1 1 
ATOM   313 C CE2 . TRP A 1 39 ? -13.287 -0.662  1.625   1.00 32.10 ? 128 TRP A CE2 1 
ATOM   314 C CE3 . TRP A 1 39 ? -11.313 0.660   1.178   1.00 28.72 ? 128 TRP A CE3 1 
ATOM   315 C CZ2 . TRP A 1 39 ? -13.679 -0.617  0.292   1.00 29.85 ? 128 TRP A CZ2 1 
ATOM   316 C CZ3 . TRP A 1 39 ? -11.703 0.701   -0.144  1.00 28.00 ? 128 TRP A CZ3 1 
ATOM   317 C CH2 . TRP A 1 39 ? -12.874 0.068   -0.576  1.00 33.73 ? 128 TRP A CH2 1 
ATOM   318 N N   . TRP A 1 40 ? -7.618  0.064   4.890   1.00 20.77 ? 129 TRP A N   1 
ATOM   319 C CA  . TRP A 1 40 ? -6.469  0.565   5.629   1.00 23.54 ? 129 TRP A CA  1 
ATOM   320 C C   . TRP A 1 40 ? -6.215  2.015   5.253   1.00 21.48 ? 129 TRP A C   1 
ATOM   321 O O   . TRP A 1 40 ? -6.344  2.393   4.084   1.00 21.60 ? 129 TRP A O   1 
ATOM   322 C CB  . TRP A 1 40 ? -5.201  -0.243  5.330   1.00 18.57 ? 129 TRP A CB  1 
ATOM   323 C CG  . TRP A 1 40 ? -5.222  -1.672  5.787   1.00 17.50 ? 129 TRP A CG  1 
ATOM   324 C CD1 . TRP A 1 40 ? -6.123  -2.257  6.627   1.00 22.43 ? 129 TRP A CD1 1 
ATOM   325 C CD2 . TRP A 1 40 ? -4.296  -2.698  5.412   1.00 18.32 ? 129 TRP A CD2 1 
ATOM   326 N NE1 . TRP A 1 40 ? -5.810  -3.587  6.804   1.00 23.86 ? 129 TRP A NE1 1 
ATOM   327 C CE2 . TRP A 1 40 ? -4.691  -3.881  6.071   1.00 24.31 ? 129 TRP A CE2 1 
ATOM   328 C CE3 . TRP A 1 40 ? -3.168  -2.731  4.585   1.00 26.27 ? 129 TRP A CE3 1 
ATOM   329 C CZ2 . TRP A 1 40 ? -4.003  -5.083  5.922   1.00 27.69 ? 129 TRP A CZ2 1 
ATOM   330 C CZ3 . TRP A 1 40 ? -2.484  -3.926  4.440   1.00 29.43 ? 129 TRP A CZ3 1 
ATOM   331 C CH2 . TRP A 1 40 ? -2.906  -5.086  5.104   1.00 28.42 ? 129 TRP A CH2 1 
ATOM   332 N N   . GLU A 1 41 ? -5.837  2.813   6.246   1.00 19.44 ? 130 GLU A N   1 
ATOM   333 C CA  . GLU A 1 41 ? -5.310  4.143   5.982   1.00 19.72 ? 130 GLU A CA  1 
ATOM   334 C C   . GLU A 1 41 ? -3.858  4.036   5.553   1.00 19.97 ? 130 GLU A C   1 
ATOM   335 O O   . GLU A 1 41 ? -3.039  3.401   6.227   1.00 17.33 ? 130 GLU A O   1 
ATOM   336 C CB  . GLU A 1 41 ? -5.435  5.045   7.208   1.00 20.19 ? 130 GLU A CB  1 
ATOM   337 C CG  . GLU A 1 41 ? -5.169  6.521   6.929   1.00 21.48 ? 130 GLU A CG  1 
ATOM   338 C CD  . GLU A 1 41 ? -5.082  7.331   8.209   1.00 25.72 ? 130 GLU A CD  1 
ATOM   339 O OE1 . GLU A 1 41 ? -4.317  6.935   9.115   1.00 25.94 ? 130 GLU A OE1 1 
ATOM   340 O OE2 . GLU A 1 41 ? -5.777  8.364   8.312   1.00 31.88 ? 130 GLU A OE2 1 
ATOM   341 N N   . ALA A 1 42 ? -3.548  4.648   4.418   1.00 18.43 ? 131 ALA A N   1 
ATOM   342 C CA  . ALA A 1 42 ? -2.204  4.609   3.879   1.00 20.80 ? 131 ALA A CA  1 
ATOM   343 C C   . ALA A 1 42 ? -1.827  5.990   3.384   1.00 21.19 ? 131 ALA A C   1 
ATOM   344 O O   . ALA A 1 42 ? -2.684  6.815   3.076   1.00 19.53 ? 131 ALA A O   1 
ATOM   345 C CB  . ALA A 1 42 ? -2.077  3.607   2.731   1.00 18.75 ? 131 ALA A CB  1 
ATOM   346 N N   . ARG A 1 43 ? -0.507  6.114   3.218   1.00 18.22 ? 132 ARG A N   1 
ATOM   347 C CA  . ARG A 1 43 ? 0.069   7.309   2.587   1.00 17.43 ? 132 ARG A CA  1 
ATOM   348 C C   . ARG A 1 43 ? 0.757   6.835   1.315   1.00 21.08 ? 132 ARG A C   1 
ATOM   349 O O   . ARG A 1 43 ? 1.556   5.914   1.355   1.00 17.73 ? 132 ARG A O   1 
ATOM   350 C CB  . ARG A 1 43 ? 1.125   8.046   3.407   1.00 24.00 ? 132 ARG A CB  1 
ATOM   351 C CG  . ARG A 1 43 ? 1.484   9.432   2.891   1.00 33.18 ? 132 ARG A CG  1 
ATOM   352 C CD  . ARG A 1 43 ? 2.827   9.975   3.348   1.00 30.98 ? 132 ARG A CD  1 
ATOM   353 N NE  . ARG A 1 43 ? 3.410   9.285   4.487   1.00 35.88 ? 132 ARG A NE  1 
ATOM   354 C CZ  . ARG A 1 43 ? 4.660   8.842   4.536   1.00 39.57 ? 132 ARG A CZ  1 
ATOM   355 N NH1 . ARG A 1 43 ? 5.462   9.019   3.502   1.00 36.78 ? 132 ARG A NH1 1 
ATOM   356 N NH2 . ARG A 1 43 ? 5.104   8.223   5.611   1.00 32.36 ? 132 ARG A NH2 1 
ATOM   357 N N   . SER A 1 44 ? 0.429   7.499   0.244   1.00 17.88 ? 133 SER A N   1 
ATOM   358 C CA  . SER A 1 44 ? 1.006   7.142   -1.036  1.00 17.90 ? 133 SER A CA  1 
ATOM   359 C C   . SER A 1 44 ? 2.396   7.750   -1.171  1.00 20.58 ? 133 SER A C   1 
ATOM   360 O O   . SER A 1 44 ? 2.587   8.958   -0.991  1.00 19.99 ? 133 SER A O   1 
ATOM   361 C CB  . SER A 1 44 ? 0.092   7.616   -2.165  1.00 22.85 ? 133 SER A CB  1 
ATOM   362 O OG  . SER A 1 44 ? 0.755   7.500   -3.418  1.00 21.48 ? 133 SER A OG  1 
ATOM   363 N N   . LEU A 1 45 ? 3.363   6.915   -1.531  1.00 20.12 ? 134 LEU A N   1 
ATOM   364 C CA  . LEU A 1 45 ? 4.710   7.427   -1.749  1.00 22.68 ? 134 LEU A CA  1 
ATOM   365 C C   . LEU A 1 45 ? 4.879   8.059   -3.125  1.00 21.85 ? 134 LEU A C   1 
ATOM   366 O O   . LEU A 1 45 ? 5.960   8.579   -3.428  1.00 24.56 ? 134 LEU A O   1 
ATOM   367 C CB  . LEU A 1 45 ? 5.751   6.322   -1.552  1.00 22.28 ? 134 LEU A CB  1 
ATOM   368 C CG  . LEU A 1 45 ? 5.791   5.677   -0.163  1.00 21.52 ? 134 LEU A CG  1 
ATOM   369 C CD1 . LEU A 1 45 ? 7.068   4.877   0.013   1.00 24.65 ? 134 LEU A CD1 1 
ATOM   370 C CD2 . LEU A 1 45 ? 5.661   6.724   0.939   1.00 24.96 ? 134 LEU A CD2 1 
ATOM   371 N N   . SER A 1 46 ? 3.837   8.037   -3.954  1.00 22.64 ? 135 SER A N   1 
ATOM   372 C CA  . SER A 1 46 ? 3.863   8.664   -5.269  1.00 24.36 ? 135 SER A CA  1 
ATOM   373 C C   . SER A 1 46 ? 3.307   10.086  -5.234  1.00 27.50 ? 135 SER A C   1 
ATOM   374 O O   . SER A 1 46 ? 3.939   11.020  -5.740  1.00 32.57 ? 135 SER A O   1 
ATOM   375 C CB  . SER A 1 46 ? 3.074   7.811   -6.268  1.00 22.70 ? 135 SER A CB  1 
ATOM   376 O OG  . SER A 1 46 ? 2.856   8.515   -7.481  1.00 31.41 ? 135 SER A OG  1 
ATOM   377 N N   . SER A 1 47 ? 2.128   10.268  -4.639  1.00 24.97 ? 136 SER A N   1 
ATOM   378 C CA  . SER A 1 47 ? 1.465   11.564  -4.608  1.00 26.03 ? 136 SER A CA  1 
ATOM   379 C C   . SER A 1 47 ? 1.597   12.273  -3.270  1.00 33.40 ? 136 SER A C   1 
ATOM   380 O O   . SER A 1 47 ? 1.258   13.458  -3.181  1.00 29.75 ? 136 SER A O   1 
ATOM   381 C CB  . SER A 1 47 ? -0.024  11.401  -4.928  1.00 33.41 ? 136 SER A CB  1 
ATOM   382 O OG  . SER A 1 47 ? -0.661  10.637  -3.916  1.00 28.25 ? 136 SER A OG  1 
ATOM   383 N N   . GLY A 1 48 ? 2.064   11.584  -2.233  1.00 27.77 ? 137 GLY A N   1 
ATOM   384 C CA  . GLY A 1 48 ? 2.066   12.142  -0.902  1.00 29.18 ? 137 GLY A CA  1 
ATOM   385 C C   . GLY A 1 48 ? 0.707   12.244  -0.247  1.00 31.05 ? 137 GLY A C   1 
ATOM   386 O O   . GLY A 1 48 ? 0.622   12.736  0.883   1.00 27.05 ? 137 GLY A O   1 
ATOM   387 N N   . LYS A 1 49 ? -0.357  11.793  -0.909  1.00 26.09 ? 138 LYS A N   1 
ATOM   388 C CA  . LYS A 1 49 ? -1.693  11.864  -0.337  1.00 25.69 ? 138 LYS A CA  1 
ATOM   389 C C   . LYS A 1 49 ? -1.926  10.722  0.644   1.00 28.05 ? 138 LYS A C   1 
ATOM   390 O O   . LYS A 1 49 ? -1.336  9.642   0.529   1.00 20.58 ? 138 LYS A O   1 
ATOM   391 C CB  . LYS A 1 49 ? -2.752  11.821  -1.439  1.00 27.57 ? 138 LYS A CB  1 
ATOM   392 C CG  . LYS A 1 49 ? -2.832  13.091  -2.273  1.00 35.83 ? 138 LYS A CG  1 
ATOM   393 C CD  . LYS A 1 49 ? -4.181  13.213  -2.962  1.00 39.54 ? 138 LYS A CD  1 
ATOM   394 N N   . THR A 1 50 ? -2.803  10.969  1.612   1.00 23.41 ? 139 THR A N   1 
ATOM   395 C CA  . THR A 1 50 ? -3.176  9.988   2.621   1.00 23.70 ? 139 THR A CA  1 
ATOM   396 C C   . THR A 1 50 ? -4.661  9.675   2.492   1.00 23.72 ? 139 THR A C   1 
ATOM   397 O O   . THR A 1 50 ? -5.475  10.575  2.268   1.00 24.04 ? 139 THR A O   1 
ATOM   398 C CB  . THR A 1 50 ? -2.858  10.508  4.032   1.00 29.91 ? 139 THR A CB  1 
ATOM   399 O OG1 . THR A 1 50 ? -1.451  10.762  4.142   1.00 32.61 ? 139 THR A OG1 1 
ATOM   400 C CG2 . THR A 1 50 ? -3.258  9.498   5.082   1.00 23.47 ? 139 THR A CG2 1 
ATOM   401 N N   . GLY A 1 51 ? -5.009  8.400   2.617   1.00 22.09 ? 140 GLY A N   1 
ATOM   402 C CA  . GLY A 1 51 ? -6.404  8.013   2.532   1.00 21.97 ? 140 GLY A CA  1 
ATOM   403 C C   . GLY A 1 51 ? -6.562  6.516   2.679   1.00 21.57 ? 140 GLY A C   1 
ATOM   404 O O   . GLY A 1 51 ? -5.597  5.790   2.934   1.00 20.81 ? 140 GLY A O   1 
ATOM   405 N N   . CYS A 1 52 ? -7.798  6.058   2.499   1.00 17.03 ? 141 CYS A N   1 
ATOM   406 C CA  . CYS A 1 52 ? -8.134  4.651   2.676   1.00 17.92 ? 141 CYS A CA  1 
ATOM   407 C C   . CYS A 1 52 ? -7.926  3.871   1.387   1.00 20.19 ? 141 CYS A C   1 
ATOM   408 O O   . CYS A 1 52 ? -8.191  4.372   0.291   1.00 17.90 ? 141 CYS A O   1 
ATOM   409 C CB  . CYS A 1 52 ? -9.580  4.498   3.143   1.00 23.08 ? 141 CYS A CB  1 
ATOM   410 S SG  . CYS A 1 52 ? -9.895  5.245   4.751   1.00 29.58 ? 141 CYS A SG  1 
ATOM   411 N N   . ILE A 1 53 ? -7.446  2.638   1.532   1.00 16.38 ? 142 ILE A N   1 
ATOM   412 C CA  . ILE A 1 53 ? -7.238  1.732   0.405   1.00 20.87 ? 142 ILE A CA  1 
ATOM   413 C C   . ILE A 1 53 ? -7.808  0.368   0.772   1.00 22.22 ? 142 ILE A C   1 
ATOM   414 O O   . ILE A 1 53 ? -7.890  0.031   1.965   1.00 17.78 ? 142 ILE A O   1 
ATOM   415 C CB  . ILE A 1 53 ? -5.749  1.623   0.036   1.00 19.66 ? 142 ILE A CB  1 
ATOM   416 C CG1 . ILE A 1 53 ? -4.958  0.994   1.183   1.00 20.94 ? 142 ILE A CG1 1 
ATOM   417 C CG2 . ILE A 1 53 ? -5.180  2.992   -0.321  1.00 19.79 ? 142 ILE A CG2 1 
ATOM   418 C CD1 . ILE A 1 53 ? -3.514  0.702   0.837   1.00 20.94 ? 142 ILE A CD1 1 
ATOM   419 N N   . PRO A 1 54 ? -8.226  -0.438  -0.203  1.00 24.62 ? 143 PRO A N   1 
ATOM   420 C CA  . PRO A 1 54 ? -8.662  -1.805  0.111   1.00 24.31 ? 143 PRO A CA  1 
ATOM   421 C C   . PRO A 1 54 ? -7.465  -2.659  0.498   1.00 20.98 ? 143 PRO A C   1 
ATOM   422 O O   . PRO A 1 54 ? -6.463  -2.706  -0.218  1.00 23.80 ? 143 PRO A O   1 
ATOM   423 C CB  . PRO A 1 54 ? -9.298  -2.291  -1.200  1.00 24.55 ? 143 PRO A CB  1 
ATOM   424 C CG  . PRO A 1 54 ? -9.421  -1.079  -2.074  1.00 21.34 ? 143 PRO A CG  1 
ATOM   425 C CD  . PRO A 1 54 ? -8.353  -0.135  -1.637  1.00 20.47 ? 143 PRO A CD  1 
ATOM   426 N N   . SER A 1 55 ? -7.579  -3.343  1.640   1.00 23.34 ? 144 SER A N   1 
ATOM   427 C CA  . SER A 1 55 ? -6.444  -4.102  2.158   1.00 26.88 ? 144 SER A CA  1 
ATOM   428 C C   . SER A 1 55 ? -6.060  -5.254  1.235   1.00 30.95 ? 144 SER A C   1 
ATOM   429 O O   . SER A 1 55 ? -4.891  -5.655  1.202   1.00 28.43 ? 144 SER A O   1 
ATOM   430 C CB  . SER A 1 55 ? -6.755  -4.618  3.566   1.00 23.22 ? 144 SER A CB  1 
ATOM   431 O OG  . SER A 1 55 ? -7.884  -5.472  3.577   1.00 27.47 ? 144 SER A OG  1 
ATOM   432 N N   . ASN A 1 56 ? -7.011  -5.787  0.476   1.00 24.61 ? 145 ASN A N   1 
ATOM   433 C CA  . ASN A 1 56 ? -6.731  -6.904  -0.416  1.00 27.01 ? 145 ASN A CA  1 
ATOM   434 C C   . ASN A 1 56 ? -6.224  -6.461  -1.784  1.00 23.52 ? 145 ASN A C   1 
ATOM   435 O O   . ASN A 1 56 ? -6.016  -7.312  -2.654  1.00 28.75 ? 145 ASN A O   1 
ATOM   436 C CB  . ASN A 1 56 ? -7.980  -7.774  -0.577  1.00 26.30 ? 145 ASN A CB  1 
ATOM   437 C CG  . ASN A 1 56 ? -9.078  -7.075  -1.349  1.00 36.08 ? 145 ASN A CG  1 
ATOM   438 O OD1 . ASN A 1 56 ? -9.330  -5.887  -1.152  1.00 35.76 ? 145 ASN A OD1 1 
ATOM   439 N ND2 . ASN A 1 56 ? -9.740  -7.812  -2.233  1.00 43.93 ? 145 ASN A ND2 1 
ATOM   440 N N   . TYR A 1 57 ? -6.023  -5.160  -1.992  1.00 22.03 ? 146 TYR A N   1 
ATOM   441 C CA  . TYR A 1 57 ? -5.455  -4.638  -3.228  1.00 26.01 ? 146 TYR A CA  1 
ATOM   442 C C   . TYR A 1 57 ? -3.948  -4.439  -3.153  1.00 22.39 ? 146 TYR A C   1 
ATOM   443 O O   . TYR A 1 57 ? -3.331  -4.113  -4.173  1.00 22.76 ? 146 TYR A O   1 
ATOM   444 C CB  . TYR A 1 57 ? -6.107  -3.300  -3.585  1.00 22.49 ? 146 TYR A CB  1 
ATOM   445 C CG  . TYR A 1 57 ? -7.403  -3.395  -4.359  1.00 22.13 ? 146 TYR A CG  1 
ATOM   446 C CD1 . TYR A 1 57 ? -7.574  -2.690  -5.544  1.00 19.76 ? 146 TYR A CD1 1 
ATOM   447 C CD2 . TYR A 1 57 ? -8.454  -4.182  -3.909  1.00 24.90 ? 146 TYR A CD2 1 
ATOM   448 C CE1 . TYR A 1 57 ? -8.755  -2.759  -6.254  1.00 25.82 ? 146 TYR A CE1 1 
ATOM   449 C CE2 . TYR A 1 57 ? -9.642  -4.257  -4.614  1.00 25.96 ? 146 TYR A CE2 1 
ATOM   450 C CZ  . TYR A 1 57 ? -9.786  -3.541  -5.785  1.00 24.90 ? 146 TYR A CZ  1 
ATOM   451 O OH  . TYR A 1 57 ? -10.960 -3.610  -6.498  1.00 29.20 ? 146 TYR A OH  1 
ATOM   452 N N   . VAL A 1 58 ? -3.343  -4.614  -1.977  1.00 22.06 ? 147 VAL A N   1 
ATOM   453 C CA  . VAL A 1 58 ? -1.922  -4.357  -1.785  1.00 23.99 ? 147 VAL A CA  1 
ATOM   454 C C   . VAL A 1 58 ? -1.266  -5.580  -1.159  1.00 23.39 ? 147 VAL A C   1 
ATOM   455 O O   . VAL A 1 58 ? -1.924  -6.447  -0.580  1.00 23.47 ? 147 VAL A O   1 
ATOM   456 C CB  . VAL A 1 58 ? -1.661  -3.108  -0.910  1.00 22.51 ? 147 VAL A CB  1 
ATOM   457 C CG1 . VAL A 1 58 ? -2.177  -1.857  -1.598  1.00 18.35 ? 147 VAL A CG1 1 
ATOM   458 C CG2 . VAL A 1 58 ? -2.300  -3.270  0.460   1.00 21.21 ? 147 VAL A CG2 1 
ATOM   459 N N   . ALA A 1 59 ? 0.055   -5.636  -1.284  1.00 23.49 ? 148 ALA A N   1 
ATOM   460 C CA  . ALA A 1 59 ? 0.842   -6.713  -0.705  1.00 25.46 ? 148 ALA A CA  1 
ATOM   461 C C   . ALA A 1 59 ? 2.184   -6.145  -0.277  1.00 23.35 ? 148 ALA A C   1 
ATOM   462 O O   . ALA A 1 59 ? 2.642   -5.149  -0.851  1.00 20.11 ? 148 ALA A O   1 
ATOM   463 C CB  . ALA A 1 59 ? 1.041   -7.863  -1.705  1.00 22.23 ? 148 ALA A CB  1 
ATOM   464 N N   . PRO A 1 60 ? 2.822   -6.731  0.734   1.00 22.72 ? 149 PRO A N   1 
ATOM   465 C CA  . PRO A 1 60 ? 4.170   -6.281  1.099   1.00 20.93 ? 149 PRO A CA  1 
ATOM   466 C C   . PRO A 1 60 ? 5.147   -6.522  -0.043  1.00 22.03 ? 149 PRO A C   1 
ATOM   467 O O   . PRO A 1 60 ? 5.138   -7.575  -0.684  1.00 22.51 ? 149 PRO A O   1 
ATOM   468 C CB  . PRO A 1 60 ? 4.511   -7.138  2.324   1.00 25.72 ? 149 PRO A CB  1 
ATOM   469 C CG  . PRO A 1 60 ? 3.189   -7.590  2.859   1.00 24.12 ? 149 PRO A CG  1 
ATOM   470 C CD  . PRO A 1 60 ? 2.314   -7.761  1.654   1.00 27.22 ? 149 PRO A CD  1 
ATOM   471 N N   . VAL A 1 61 ? 5.994   -5.520  -0.298  1.00 23.05 ? 150 VAL A N   1 
ATOM   472 C CA  . VAL A 1 61 ? 6.975   -5.629  -1.375  1.00 23.54 ? 150 VAL A CA  1 
ATOM   473 C C   . VAL A 1 61 ? 7.910   -6.809  -1.132  1.00 25.32 ? 150 VAL A C   1 
ATOM   474 O O   . VAL A 1 61 ? 8.240   -7.559  -2.059  1.00 23.10 ? 150 VAL A O   1 
ATOM   475 C CB  . VAL A 1 61 ? 7.753   -4.307  -1.524  1.00 24.96 ? 150 VAL A CB  1 
ATOM   476 C CG1 . VAL A 1 61 ? 8.994   -4.512  -2.383  1.00 22.83 ? 150 VAL A CG1 1 
ATOM   477 C CG2 . VAL A 1 61 ? 6.857   -3.234  -2.130  1.00 26.60 ? 150 VAL A CG2 1 
ATOM   478 N N   . ASP A 1 62 ? 8.305   -7.013  0.125   1.00 21.36 ? 151 ASP A N   1 
ATOM   479 C CA  . ASP A 1 62 ? 9.231   -8.113  0.489   1.00 26.02 ? 151 ASP A CA  1 
ATOM   480 C C   . ASP A 1 62 ? 8.619   -9.481  0.186   1.00 26.27 ? 151 ASP A C   1 
ATOM   481 O O   . ASP A 1 62 ? 9.363   -10.413 0.027   1.00 28.07 ? 151 ASP A O   1 
ATOM   482 C CB  . ASP A 1 62 ? 9.734   -8.013  1.920   1.00 30.13 ? 151 ASP A CB  1 
ATOM   483 C CG  . ASP A 1 62 ? 11.070  -8.723  2.068   1.00 43.30 ? 151 ASP A CG  1 
ATOM   484 O OD1 . ASP A 1 62 ? 12.102  -8.116  1.729   1.00 50.28 ? 151 ASP A OD1 1 
ATOM   485 O OD2 . ASP A 1 62 ? 11.062  -9.893  2.456   1.00 39.38 ? 151 ASP A OD2 1 
ATOM   486 N N   . SER A 1 63 ? 7.305   -9.551  0.077   1.00 23.30 ? 152 SER A N   1 
ATOM   487 C CA  . SER A 1 63 ? 6.655   -10.809 -0.277  1.00 28.51 ? 152 SER A CA  1 
ATOM   488 C C   . SER A 1 63 ? 6.832   -11.164 -1.749  1.00 30.66 ? 152 SER A C   1 
ATOM   489 O O   . SER A 1 63 ? 6.719   -12.341 -2.110  1.00 28.29 ? 152 SER A O   1 
ATOM   490 C CB  . SER A 1 63 ? 5.163   -10.745 0.051   1.00 27.16 ? 152 SER A CB  1 
ATOM   491 O OG  . SER A 1 63 ? 4.948   -10.568 1.438   1.00 34.20 ? 152 SER A OG  1 
ATOM   492 N N   . LEU A 1 64 ? 7.106   -10.180 -2.602  1.00 24.35 ? 153 LEU A N   1 
ATOM   493 C CA  . LEU A 1 64 ? 7.118   -10.374 -4.046  1.00 21.76 ? 153 LEU A CA  1 
ATOM   494 C C   . LEU A 1 64 ? 8.509   -10.309 -4.657  1.00 28.83 ? 153 LEU A C   1 
ATOM   495 O O   . LEU A 1 64 ? 8.657   -10.558 -5.860  1.00 28.37 ? 153 LEU A O   1 
ATOM   496 C CB  . LEU A 1 64 ? 6.213   -9.334  -4.715  1.00 29.72 ? 153 LEU A CB  1 
ATOM   497 C CG  . LEU A 1 64 ? 4.803   -9.228  -4.130  1.00 29.16 ? 153 LEU A CG  1 
ATOM   498 C CD1 . LEU A 1 64 ? 4.077   -8.013  -4.686  1.00 23.47 ? 153 LEU A CD1 1 
ATOM   499 C CD2 . LEU A 1 64 ? 4.021   -10.503 -4.413  1.00 27.94 ? 153 LEU A CD2 1 
ATOM   500 N N   . GLU A 1 65 ? 9.512   -9.944  -3.860  1.00 25.41 ? 154 GLU A N   1 
ATOM   501 C CA  . GLU A 1 65 ? 10.914  -9.807  -4.336  1.00 32.40 ? 154 GLU A CA  1 
ATOM   502 C C   . GLU A 1 65 ? 11.640  -11.148 -4.362  1.00 26.77 ? 154 GLU A C   1 
ATOM   503 O O   . GLU A 1 65 ? 11.221  -12.034 -3.689  1.00 28.99 ? 154 GLU A O   1 
ATOM   504 C CB  . GLU A 1 65 ? 11.676  -8.810  -3.462  1.00 31.04 ? 154 GLU A CB  1 
ATOM   505 C CG  . GLU A 1 65 ? 11.252  -7.375  -3.687  1.00 38.67 ? 154 GLU A CG  1 
ATOM   506 N N   . HIS A 1 66 ? 12.656  -11.270 -5.200  1.00 31.57 ? 155 HIS A N   1 
ATOM   507 C CA  . HIS A 1 66 ? 13.474  -12.471 -5.231  1.00 35.93 ? 155 HIS A CA  1 
ATOM   508 C C   . HIS A 1 66 ? 14.589  -12.324 -4.205  1.00 35.41 ? 155 HIS A C   1 
ATOM   509 O O   . HIS A 1 66 ? 15.268  -11.294 -4.154  1.00 40.48 ? 155 HIS A O   1 
ATOM   510 C CB  . HIS A 1 66 ? 14.048  -12.744 -6.624  1.00 41.97 ? 155 HIS A CB  1 
ATOM   511 C CG  . HIS A 1 66 ? 15.007  -11.707 -7.120  1.00 49.32 ? 155 HIS A CG  1 
ATOM   512 N ND1 . HIS A 1 66 ? 16.338  -11.984 -7.360  1.00 57.69 ? 155 HIS A ND1 1 
ATOM   513 C CD2 . HIS A 1 66 ? 14.829  -10.413 -7.466  1.00 51.46 ? 155 HIS A CD2 1 
ATOM   514 C CE1 . HIS A 1 66 ? 16.938  -10.896 -7.807  1.00 60.45 ? 155 HIS A CE1 1 
ATOM   515 N NE2 . HIS A 1 66 ? 16.045  -9.926  -7.878  1.00 58.59 ? 155 HIS A NE2 1 
ATOM   516 N N   . HIS A 1 67 ? 14.752  -13.348 -3.377  1.00 27.23 ? 156 HIS A N   1 
ATOM   517 C CA  . HIS A 1 67 ? 15.709  -13.336 -2.285  1.00 26.40 ? 156 HIS A CA  1 
ATOM   518 C C   . HIS A 1 67 ? 16.867  -14.272 -2.601  1.00 33.74 ? 156 HIS A C   1 
ATOM   519 O O   . HIS A 1 67 ? 16.671  -15.357 -3.157  1.00 32.69 ? 156 HIS A O   1 
ATOM   520 C CB  . HIS A 1 67 ? 15.043  -13.758 -0.974  1.00 26.04 ? 156 HIS A CB  1 
ATOM   521 C CG  . HIS A 1 67 ? 13.841  -12.940 -0.616  1.00 26.24 ? 156 HIS A CG  1 
ATOM   522 N ND1 . HIS A 1 67 ? 12.603  -13.146 -1.189  1.00 26.14 ? 156 HIS A ND1 1 
ATOM   523 C CD2 . HIS A 1 67 ? 13.684  -11.919 0.259   1.00 28.56 ? 156 HIS A CD2 1 
ATOM   524 C CE1 . HIS A 1 67 ? 11.738  -12.286 -0.683  1.00 28.21 ? 156 HIS A CE1 1 
ATOM   525 N NE2 . HIS A 1 67 ? 12.368  -11.530 0.198   1.00 28.77 ? 156 HIS A NE2 1 
ATOM   526 N N   . HIS A 1 68 ? 18.073  -13.840 -2.249  1.00 33.24 ? 157 HIS A N   1 
ATOM   527 C CA  . HIS A 1 68 ? 19.259  -14.676 -2.309  1.00 38.62 ? 157 HIS A CA  1 
ATOM   528 C C   . HIS A 1 68 ? 20.015  -14.533 -0.997  1.00 36.02 ? 157 HIS A C   1 
ATOM   529 O O   . HIS A 1 68 ? 20.022  -13.463 -0.382  1.00 29.04 ? 157 HIS A O   1 
ATOM   530 C CB  . HIS A 1 68 ? 20.159  -14.309 -3.500  1.00 41.43 ? 157 HIS A CB  1 
ATOM   531 C CG  . HIS A 1 68 ? 20.298  -12.836 -3.723  1.00 46.40 ? 157 HIS A CG  1 
ATOM   532 N ND1 . HIS A 1 68 ? 21.331  -12.095 -3.189  1.00 50.97 ? 157 HIS A ND1 1 
ATOM   533 C CD2 . HIS A 1 68 ? 19.537  -11.966 -4.428  1.00 51.49 ? 157 HIS A CD2 1 
ATOM   534 C CE1 . HIS A 1 68 ? 21.198  -10.832 -3.553  1.00 54.73 ? 157 HIS A CE1 1 
ATOM   535 N NE2 . HIS A 1 68 ? 20.116  -10.727 -4.303  1.00 55.11 ? 157 HIS A NE2 1 
ATOM   536 N N   . HIS A 1 69 ? 20.639  -15.629 -0.565  1.00 32.77 ? 158 HIS A N   1 
ATOM   537 C CA  . HIS A 1 69 ? 21.240  -15.657 0.766   1.00 33.20 ? 158 HIS A CA  1 
ATOM   538 C C   . HIS A 1 69 ? 22.443  -14.729 0.859   1.00 36.37 ? 158 HIS A C   1 
ATOM   539 O O   . HIS A 1 69 ? 22.530  -13.902 1.774   1.00 40.75 ? 158 HIS A O   1 
ATOM   540 C CB  . HIS A 1 69 ? 21.642  -17.084 1.131   1.00 33.08 ? 158 HIS A CB  1 
ATOM   541 C CG  . HIS A 1 69 ? 22.488  -17.169 2.363   1.00 32.63 ? 158 HIS A CG  1 
ATOM   542 N ND1 . HIS A 1 69 ? 22.022  -16.824 3.613   1.00 30.27 ? 158 HIS A ND1 1 
ATOM   543 C CD2 . HIS A 1 69 ? 23.777  -17.548 2.533   1.00 35.13 ? 158 HIS A CD2 1 
ATOM   544 C CE1 . HIS A 1 69 ? 22.985  -16.994 4.501   1.00 34.84 ? 158 HIS A CE1 1 
ATOM   545 N NE2 . HIS A 1 69 ? 24.060  -17.434 3.872   1.00 31.44 ? 158 HIS A NE2 1 
ATOM   546 N N   . HIS A 1 70 ? 23.383  -14.853 -0.072  1.00 43.58 ? 159 HIS A N   1 
ATOM   547 C CA  . HIS A 1 70 ? 24.635  -14.114 0.025   1.00 43.99 ? 159 HIS A CA  1 
ATOM   548 C C   . HIS A 1 70 ? 24.423  -12.642 -0.305  1.00 46.39 ? 159 HIS A C   1 
ATOM   549 O O   . HIS A 1 70 ? 23.862  -12.300 -1.351  1.00 49.75 ? 159 HIS A O   1 
ATOM   550 C CB  . HIS A 1 70 ? 25.677  -14.728 -0.908  1.00 43.57 ? 159 HIS A CB  1 
ATOM   551 C CG  . HIS A 1 70 ? 26.056  -16.129 -0.541  1.00 43.75 ? 159 HIS A CG  1 
ATOM   552 N ND1 . HIS A 1 70 ? 26.643  -16.451 0.663   1.00 48.98 ? 159 HIS A ND1 1 
ATOM   553 C CD2 . HIS A 1 70 ? 25.905  -17.298 -1.209  1.00 45.41 ? 159 HIS A CD2 1 
ATOM   554 C CE1 . HIS A 1 70 ? 26.855  -17.755 0.713   1.00 45.46 ? 159 HIS A CE1 1 
ATOM   555 N NE2 . HIS A 1 70 ? 26.415  -18.292 -0.410  1.00 42.86 ? 159 HIS A NE2 1 
ATOM   556 N N   . HIS A 1 71 ? 24.869  -11.771 0.593   1.00 50.74 ? 160 HIS A N   1 
ATOM   557 C CA  . HIS A 1 71 ? 24.760  -10.331 0.391   1.00 54.41 ? 160 HIS A CA  1 
ATOM   558 C C   . HIS A 1 71 ? 26.073  -9.621  0.691   1.00 59.50 ? 160 HIS A C   1 
ATOM   559 O O   . HIS A 1 71 ? 26.325  -8.533  0.172   1.00 65.68 ? 160 HIS A O   1 
ATOM   560 C CB  . HIS A 1 71 ? 23.642  -9.748  1.256   1.00 50.80 ? 160 HIS A CB  1 
ATOM   561 C CG  . HIS A 1 71 ? 22.291  -9.819  0.618   1.00 55.32 ? 160 HIS A CG  1 
ATOM   562 N ND1 . HIS A 1 71 ? 21.581  -8.696  0.251   1.00 55.50 ? 160 HIS A ND1 1 
ATOM   563 C CD2 . HIS A 1 71 ? 21.522  -10.878 0.272   1.00 47.98 ? 160 HIS A CD2 1 
ATOM   564 C CE1 . HIS A 1 71 ? 20.433  -9.060  -0.290  1.00 52.48 ? 160 HIS A CE1 1 
ATOM   565 N NE2 . HIS A 1 71 ? 20.372  -10.380 -0.290  1.00 52.64 ? 160 HIS A NE2 1 
HETATM 566 O O   . HOH B 2 .  ? 6.317   -12.071 2.563   1.00 40.38 ? 201 HOH A O   1 
HETATM 567 O O   . HOH B 2 .  ? -2.499  -6.799  1.896   1.00 36.74 ? 202 HOH A O   1 
HETATM 568 O O   . HOH B 2 .  ? 8.997   -11.034 3.489   1.00 34.57 ? 203 HOH A O   1 
HETATM 569 O O   . HOH B 2 .  ? 0.288   11.261  5.991   1.00 36.19 ? 204 HOH A O   1 
HETATM 570 O O   . HOH B 2 .  ? 9.036   -13.488 -3.163  1.00 26.55 ? 205 HOH A O   1 
HETATM 571 O O   . HOH B 2 .  ? 3.693   0.444   6.194   1.00 26.18 ? 206 HOH A O   1 
HETATM 572 O O   . HOH B 2 .  ? -16.681 -3.868  -3.970  1.00 39.85 ? 207 HOH A O   1 
HETATM 573 O O   . HOH B 2 .  ? -8.466  1.296   8.811   1.00 35.18 ? 208 HOH A O   1 
HETATM 574 O O   . HOH B 2 .  ? -14.467 -0.260  -8.520  1.00 38.37 ? 209 HOH A O   1 
HETATM 575 O O   . HOH B 2 .  ? -13.234 1.472   -7.046  1.00 27.72 ? 210 HOH A O   1 
HETATM 576 O O   . HOH B 2 .  ? -8.751  -2.919  -10.667 1.00 35.16 ? 211 HOH A O   1 
HETATM 577 O O   . HOH B 2 .  ? -17.748 10.246  0.393   1.00 38.52 ? 212 HOH A O   1 
HETATM 578 O O   . HOH B 2 .  ? 7.713   -5.165  2.185   1.00 25.01 ? 213 HOH A O   1 
HETATM 579 O O   . HOH B 2 .  ? 4.551   10.071  0.752   1.00 36.16 ? 214 HOH A O   1 
HETATM 580 O O   . HOH B 2 .  ? 12.669  3.862   2.672   1.00 54.72 ? 215 HOH A O   1 
HETATM 581 O O   . HOH B 2 .  ? -6.660  6.934   10.809  1.00 32.89 ? 216 HOH A O   1 
HETATM 582 O O   . HOH B 2 .  ? 5.520   -1.679  9.131   1.00 36.76 ? 217 HOH A O   1 
HETATM 583 O O   . HOH B 2 .  ? 8.816   -2.681  13.343  1.00 39.65 ? 218 HOH A O   1 
HETATM 584 O O   . HOH B 2 .  ? 9.910   -2.973  3.456   1.00 30.37 ? 219 HOH A O   1 
HETATM 585 O O   . HOH B 2 .  ? -9.248  2.863   6.053   1.00 37.41 ? 220 HOH A O   1 
HETATM 586 O O   . HOH B 2 .  ? -6.063  10.135  -4.283  1.00 31.73 ? 221 HOH A O   1 
HETATM 587 O O   . HOH B 2 .  ? -6.010  -3.621  -12.238 1.00 31.38 ? 222 HOH A O   1 
HETATM 588 O O   . HOH B 2 .  ? 15.415  -7.993  -4.565  1.00 47.77 ? 223 HOH A O   1 
HETATM 589 O O   . HOH B 2 .  ? 10.599  5.875   4.371   1.00 50.86 ? 224 HOH A O   1 
HETATM 590 O O   . HOH B 2 .  ? -14.294 10.084  -6.147  1.00 47.00 ? 225 HOH A O   1 
HETATM 591 O O   . HOH B 2 .  ? -9.183  -8.667  -5.623  1.00 39.43 ? 226 HOH A O   1 
HETATM 592 O O   . HOH B 2 .  ? 0.074   -7.063  -11.591 1.00 47.47 ? 227 HOH A O   1 
HETATM 593 O O   . HOH B 2 .  ? -11.472 -6.643  -8.993  0.50 42.88 ? 228 HOH A O   1 
# 
loop_
_pdbx_poly_seq_scheme.asym_id 
_pdbx_poly_seq_scheme.entity_id 
_pdbx_poly_seq_scheme.seq_id 
_pdbx_poly_seq_scheme.mon_id 
_pdbx_poly_seq_scheme.ndb_seq_num 
_pdbx_poly_seq_scheme.pdb_seq_num 
_pdbx_poly_seq_scheme.auth_seq_num 
_pdbx_poly_seq_scheme.pdb_mon_id 
_pdbx_poly_seq_scheme.auth_mon_id 
_pdbx_poly_seq_scheme.pdb_strand_id 
_pdbx_poly_seq_scheme.pdb_ins_code 
_pdbx_poly_seq_scheme.hetero 
A 1 1  MET 1  90  90  MET MET A . n 
A 1 2  ILE 2  91  91  ILE ILE A . n 
A 1 3  GLY 3  92  92  GLY GLY A . n 
A 1 4  VAL 4  93  93  VAL VAL A . n 
A 1 5  THR 5  94  94  THR THR A . n 
A 1 6  LEU 6  95  95  LEU LEU A . n 
A 1 7  PHE 7  96  96  PHE PHE A . n 
A 1 8  ILE 8  97  97  ILE ILE A . n 
A 1 9  ALA 9  98  98  ALA ALA A . n 
A 1 10 LEU 10 99  99  LEU LEU A . n 
A 1 11 TYR 11 100 100 TYR TYR A . n 
A 1 12 ASP 12 101 101 ASP ASP A . n 
A 1 13 TYR 13 102 102 TYR TYR A . n 
A 1 14 GLU 14 103 103 GLU GLU A . n 
A 1 15 ALA 15 104 104 ALA ALA A . n 
A 1 16 ARG 16 105 105 ARG ARG A . n 
A 1 17 THR 17 106 106 THR THR A . n 
A 1 18 GLU 18 107 107 GLU GLU A . n 
A 1 19 ASP 19 108 108 ASP ASP A . n 
A 1 20 ASP 20 109 109 ASP ASP A . n 
A 1 21 LEU 21 110 110 LEU LEU A . n 
A 1 22 THR 22 111 111 THR THR A . n 
A 1 23 PHE 23 112 112 PHE PHE A . n 
A 1 24 THR 24 113 113 THR THR A . n 
A 1 25 LYS 25 114 114 LYS LYS A . n 
A 1 26 GLY 26 115 115 GLY GLY A . n 
A 1 27 GLU 27 116 116 GLU GLU A . n 
A 1 28 LYS 28 117 117 LYS LYS A . n 
A 1 29 PHE 29 118 118 PHE PHE A . n 
A 1 30 HIS 30 119 119 HIS HIS A . n 
A 1 31 ILE 31 120 120 ILE ILE A . n 
A 1 32 LEU 32 121 121 LEU LEU A . n 
A 1 33 ASN 33 122 122 ASN ASN A . n 
A 1 34 ASN 34 123 123 ASN ASN A . n 
A 1 35 THR 35 124 124 THR THR A . n 
A 1 36 GLU 36 125 125 GLU GLU A . n 
A 1 37 GLY 37 126 126 GLY GLY A . n 
A 1 38 ASP 38 127 127 ASP ASP A . n 
A 1 39 TRP 39 128 128 TRP TRP A . n 
A 1 40 TRP 40 129 129 TRP TRP A . n 
A 1 41 GLU 41 130 130 GLU GLU A . n 
A 1 42 ALA 42 131 131 ALA ALA A . n 
A 1 43 ARG 43 132 132 ARG ARG A . n 
A 1 44 SER 44 133 133 SER SER A . n 
A 1 45 LEU 45 134 134 LEU LEU A . n 
A 1 46 SER 46 135 135 SER SER A . n 
A 1 47 SER 47 136 136 SER SER A . n 
A 1 48 GLY 48 137 137 GLY GLY A . n 
A 1 49 LYS 49 138 138 LYS LYS A . n 
A 1 50 THR 50 139 139 THR THR A . n 
A 1 51 GLY 51 140 140 GLY GLY A . n 
A 1 52 CYS 52 141 141 CYS CYS A . n 
A 1 53 ILE 53 142 142 ILE ILE A . n 
A 1 54 PRO 54 143 143 PRO PRO A . n 
A 1 55 SER 55 144 144 SER SER A . n 
A 1 56 ASN 56 145 145 ASN ASN A . n 
A 1 57 TYR 57 146 146 TYR TYR A . n 
A 1 58 VAL 58 147 147 VAL VAL A . n 
A 1 59 ALA 59 148 148 ALA ALA A . n 
A 1 60 PRO 60 149 149 PRO PRO A . n 
A 1 61 VAL 61 150 150 VAL VAL A . n 
A 1 62 ASP 62 151 151 ASP ASP A . n 
A 1 63 SER 63 152 152 SER SER A . n 
A 1 64 LEU 64 153 153 LEU LEU A . n 
A 1 65 GLU 65 154 154 GLU GLU A . n 
A 1 66 HIS 66 155 155 HIS HIS A . n 
A 1 67 HIS 67 156 156 HIS HIS A . n 
A 1 68 HIS 68 157 157 HIS HIS A . n 
A 1 69 HIS 69 158 158 HIS HIS A . n 
A 1 70 HIS 70 159 159 HIS HIS A . n 
A 1 71 HIS 71 160 160 HIS HIS A . n 
# 
loop_
_pdbx_nonpoly_scheme.asym_id 
_pdbx_nonpoly_scheme.entity_id 
_pdbx_nonpoly_scheme.mon_id 
_pdbx_nonpoly_scheme.ndb_seq_num 
_pdbx_nonpoly_scheme.pdb_seq_num 
_pdbx_nonpoly_scheme.auth_seq_num 
_pdbx_nonpoly_scheme.pdb_mon_id 
_pdbx_nonpoly_scheme.auth_mon_id 
_pdbx_nonpoly_scheme.pdb_strand_id 
_pdbx_nonpoly_scheme.pdb_ins_code 
B 2 HOH 1  201 35 HOH HOH A . 
B 2 HOH 2  202 30 HOH HOH A . 
B 2 HOH 3  203 7  HOH HOH A . 
B 2 HOH 4  204 10 HOH HOH A . 
B 2 HOH 5  205 1  HOH HOH A . 
B 2 HOH 6  206 2  HOH HOH A . 
B 2 HOH 7  207 9  HOH HOH A . 
B 2 HOH 8  208 12 HOH HOH A . 
B 2 HOH 9  209 22 HOH HOH A . 
B 2 HOH 10 210 20 HOH HOH A . 
B 2 HOH 11 211 5  HOH HOH A . 
B 2 HOH 12 212 14 HOH HOH A . 
B 2 HOH 13 213 3  HOH HOH A . 
B 2 HOH 14 214 23 HOH HOH A . 
B 2 HOH 15 215 37 HOH HOH A . 
B 2 HOH 16 216 8  HOH HOH A . 
B 2 HOH 17 217 29 HOH HOH A . 
B 2 HOH 18 218 21 HOH HOH A . 
B 2 HOH 19 219 4  HOH HOH A . 
B 2 HOH 20 220 26 HOH HOH A . 
B 2 HOH 21 221 13 HOH HOH A . 
B 2 HOH 22 222 6  HOH HOH A . 
B 2 HOH 23 223 39 HOH HOH A . 
B 2 HOH 24 224 36 HOH HOH A . 
B 2 HOH 25 225 25 HOH HOH A . 
B 2 HOH 26 226 34 HOH HOH A . 
B 2 HOH 27 227 31 HOH HOH A . 
B 2 HOH 28 228 33 HOH HOH A . 
# 
_pdbx_struct_assembly.id                   1 
_pdbx_struct_assembly.details              author_defined_assembly 
_pdbx_struct_assembly.method_details       ? 
_pdbx_struct_assembly.oligomeric_details   monomeric 
_pdbx_struct_assembly.oligomeric_count     1 
# 
_pdbx_struct_assembly_gen.assembly_id       1 
_pdbx_struct_assembly_gen.oper_expression   1 
_pdbx_struct_assembly_gen.asym_id_list      A,B 
# 
loop_
_pdbx_struct_assembly_prop.biol_id 
_pdbx_struct_assembly_prop.type 
_pdbx_struct_assembly_prop.value 
_pdbx_struct_assembly_prop.details 
1 'ABSA (A^2)' 0    ? 
1 MORE         0    ? 
1 'SSA (A^2)'  5100 ? 
# 
_pdbx_struct_oper_list.id                   1 
_pdbx_struct_oper_list.type                 'identity operation' 
_pdbx_struct_oper_list.name                 1_555 
_pdbx_struct_oper_list.symmetry_operation   x,y,z 
_pdbx_struct_oper_list.matrix[1][1]         1.0000000000 
_pdbx_struct_oper_list.matrix[1][2]         0.0000000000 
_pdbx_struct_oper_list.matrix[1][3]         0.0000000000 
_pdbx_struct_oper_list.vector[1]            0.0000000000 
_pdbx_struct_oper_list.matrix[2][1]         0.0000000000 
_pdbx_struct_oper_list.matrix[2][2]         1.0000000000 
_pdbx_struct_oper_list.matrix[2][3]         0.0000000000 
_pdbx_struct_oper_list.vector[2]            0.0000000000 
_pdbx_struct_oper_list.matrix[3][1]         0.0000000000 
_pdbx_struct_oper_list.matrix[3][2]         0.0000000000 
_pdbx_struct_oper_list.matrix[3][3]         1.0000000000 
_pdbx_struct_oper_list.vector[3]            0.0000000000 
# 
_pdbx_struct_special_symmetry.id              1 
_pdbx_struct_special_symmetry.PDB_model_num   1 
_pdbx_struct_special_symmetry.auth_asym_id    A 
_pdbx_struct_special_symmetry.auth_comp_id    HOH 
_pdbx_struct_special_symmetry.auth_seq_id     228 
_pdbx_struct_special_symmetry.PDB_ins_code    ? 
_pdbx_struct_special_symmetry.label_asym_id   B 
_pdbx_struct_special_symmetry.label_comp_id   HOH 
_pdbx_struct_special_symmetry.label_seq_id    . 
# 
loop_
_pdbx_audit_revision_history.ordinal 
_pdbx_audit_revision_history.data_content_type 
_pdbx_audit_revision_history.major_revision 
_pdbx_audit_revision_history.minor_revision 
_pdbx_audit_revision_history.revision_date 
1 'Structure model' 1 0 2022-01-26 
2 'Structure model' 1 1 2023-10-18 
# 
_pdbx_audit_revision_details.ordinal             1 
_pdbx_audit_revision_details.revision_ordinal    1 
_pdbx_audit_revision_details.data_content_type   'Structure model' 
_pdbx_audit_revision_details.provider            repository 
_pdbx_audit_revision_details.type                'Initial release' 
_pdbx_audit_revision_details.description         ? 
_pdbx_audit_revision_details.details             ? 
# 
loop_
_pdbx_audit_revision_group.ordinal 
_pdbx_audit_revision_group.revision_ordinal 
_pdbx_audit_revision_group.data_content_type 
_pdbx_audit_revision_group.group 
1 2 'Structure model' 'Data collection'        
2 2 'Structure model' 'Refinement description' 
# 
loop_
_pdbx_audit_revision_category.ordinal 
_pdbx_audit_revision_category.revision_ordinal 
_pdbx_audit_revision_category.data_content_type 
_pdbx_audit_revision_category.category 
1 2 'Structure model' chem_comp_atom                
2 2 'Structure model' chem_comp_bond                
3 2 'Structure model' pdbx_initial_refinement_model 
# 
loop_
_software.citation_id 
_software.classification 
_software.compiler_name 
_software.compiler_version 
_software.contact_author 
_software.contact_author_email 
_software.date 
_software.description 
_software.dependencies 
_software.hardware 
_software.language 
_software.location 
_software.mods 
_software.name 
_software.os 
_software.os_version 
_software.type 
_software.version 
_software.pdbx_ordinal 
? refinement        ? ? ? ? ? ? ? ? ? ? ? PHENIX      ? ? ? 1.18.2_3874 1 
? 'data scaling'    ? ? ? ? ? ? ? ? ? ? ? HKL-2000    ? ? ? .           2 
? 'data extraction' ? ? ? ? ? ? ? ? ? ? ? PDB_EXTRACT ? ? ? 3.25        3 
# 
loop_
_pdbx_unobs_or_zero_occ_atoms.id 
_pdbx_unobs_or_zero_occ_atoms.PDB_model_num 
_pdbx_unobs_or_zero_occ_atoms.polymer_flag 
_pdbx_unobs_or_zero_occ_atoms.occupancy_flag 
_pdbx_unobs_or_zero_occ_atoms.auth_asym_id 
_pdbx_unobs_or_zero_occ_atoms.auth_comp_id 
_pdbx_unobs_or_zero_occ_atoms.auth_seq_id 
_pdbx_unobs_or_zero_occ_atoms.PDB_ins_code 
_pdbx_unobs_or_zero_occ_atoms.auth_atom_id 
_pdbx_unobs_or_zero_occ_atoms.label_alt_id 
_pdbx_unobs_or_zero_occ_atoms.label_asym_id 
_pdbx_unobs_or_zero_occ_atoms.label_comp_id 
_pdbx_unobs_or_zero_occ_atoms.label_seq_id 
_pdbx_unobs_or_zero_occ_atoms.label_atom_id 
1  1 Y 1 A GLU 107 ? CG  ? A GLU 18 CG  
2  1 Y 1 A GLU 107 ? CD  ? A GLU 18 CD  
3  1 Y 1 A GLU 107 ? OE1 ? A GLU 18 OE1 
4  1 Y 1 A GLU 107 ? OE2 ? A GLU 18 OE2 
5  1 Y 1 A LYS 114 ? NZ  ? A LYS 25 NZ  
6  1 Y 1 A LYS 138 ? CE  ? A LYS 49 CE  
7  1 Y 1 A LYS 138 ? NZ  ? A LYS 49 NZ  
8  1 Y 1 A GLU 154 ? CD  ? A GLU 65 CD  
9  1 Y 1 A GLU 154 ? OE1 ? A GLU 65 OE1 
10 1 Y 1 A GLU 154 ? OE2 ? A GLU 65 OE2 
# 
loop_
_chem_comp_atom.comp_id 
_chem_comp_atom.atom_id 
_chem_comp_atom.type_symbol 
_chem_comp_atom.pdbx_aromatic_flag 
_chem_comp_atom.pdbx_stereo_config 
_chem_comp_atom.pdbx_ordinal 
ALA N    N N N 1   
ALA CA   C N S 2   
ALA C    C N N 3   
ALA O    O N N 4   
ALA CB   C N N 5   
ALA OXT  O N N 6   
ALA H    H N N 7   
ALA H2   H N N 8   
ALA HA   H N N 9   
ALA HB1  H N N 10  
ALA HB2  H N N 11  
ALA HB3  H N N 12  
ALA HXT  H N N 13  
ARG N    N N N 14  
ARG CA   C N S 15  
ARG C    C N N 16  
ARG O    O N N 17  
ARG CB   C N N 18  
ARG CG   C N N 19  
ARG CD   C N N 20  
ARG NE   N N N 21  
ARG CZ   C N N 22  
ARG NH1  N N N 23  
ARG NH2  N N N 24  
ARG OXT  O N N 25  
ARG H    H N N 26  
ARG H2   H N N 27  
ARG HA   H N N 28  
ARG HB2  H N N 29  
ARG HB3  H N N 30  
ARG HG2  H N N 31  
ARG HG3  H N N 32  
ARG HD2  H N N 33  
ARG HD3  H N N 34  
ARG HE   H N N 35  
ARG HH11 H N N 36  
ARG HH12 H N N 37  
ARG HH21 H N N 38  
ARG HH22 H N N 39  
ARG HXT  H N N 40  
ASN N    N N N 41  
ASN CA   C N S 42  
ASN C    C N N 43  
ASN O    O N N 44  
ASN CB   C N N 45  
ASN CG   C N N 46  
ASN OD1  O N N 47  
ASN ND2  N N N 48  
ASN OXT  O N N 49  
ASN H    H N N 50  
ASN H2   H N N 51  
ASN HA   H N N 52  
ASN HB2  H N N 53  
ASN HB3  H N N 54  
ASN HD21 H N N 55  
ASN HD22 H N N 56  
ASN HXT  H N N 57  
ASP N    N N N 58  
ASP CA   C N S 59  
ASP C    C N N 60  
ASP O    O N N 61  
ASP CB   C N N 62  
ASP CG   C N N 63  
ASP OD1  O N N 64  
ASP OD2  O N N 65  
ASP OXT  O N N 66  
ASP H    H N N 67  
ASP H2   H N N 68  
ASP HA   H N N 69  
ASP HB2  H N N 70  
ASP HB3  H N N 71  
ASP HD2  H N N 72  
ASP HXT  H N N 73  
CYS N    N N N 74  
CYS CA   C N R 75  
CYS C    C N N 76  
CYS O    O N N 77  
CYS CB   C N N 78  
CYS SG   S N N 79  
CYS OXT  O N N 80  
CYS H    H N N 81  
CYS H2   H N N 82  
CYS HA   H N N 83  
CYS HB2  H N N 84  
CYS HB3  H N N 85  
CYS HG   H N N 86  
CYS HXT  H N N 87  
GLU N    N N N 88  
GLU CA   C N S 89  
GLU C    C N N 90  
GLU O    O N N 91  
GLU CB   C N N 92  
GLU CG   C N N 93  
GLU CD   C N N 94  
GLU OE1  O N N 95  
GLU OE2  O N N 96  
GLU OXT  O N N 97  
GLU H    H N N 98  
GLU H2   H N N 99  
GLU HA   H N N 100 
GLU HB2  H N N 101 
GLU HB3  H N N 102 
GLU HG2  H N N 103 
GLU HG3  H N N 104 
GLU HE2  H N N 105 
GLU HXT  H N N 106 
GLY N    N N N 107 
GLY CA   C N N 108 
GLY C    C N N 109 
GLY O    O N N 110 
GLY OXT  O N N 111 
GLY H    H N N 112 
GLY H2   H N N 113 
GLY HA2  H N N 114 
GLY HA3  H N N 115 
GLY HXT  H N N 116 
HIS N    N N N 117 
HIS CA   C N S 118 
HIS C    C N N 119 
HIS O    O N N 120 
HIS CB   C N N 121 
HIS CG   C Y N 122 
HIS ND1  N Y N 123 
HIS CD2  C Y N 124 
HIS CE1  C Y N 125 
HIS NE2  N Y N 126 
HIS OXT  O N N 127 
HIS H    H N N 128 
HIS H2   H N N 129 
HIS HA   H N N 130 
HIS HB2  H N N 131 
HIS HB3  H N N 132 
HIS HD1  H N N 133 
HIS HD2  H N N 134 
HIS HE1  H N N 135 
HIS HE2  H N N 136 
HIS HXT  H N N 137 
HOH O    O N N 138 
HOH H1   H N N 139 
HOH H2   H N N 140 
ILE N    N N N 141 
ILE CA   C N S 142 
ILE C    C N N 143 
ILE O    O N N 144 
ILE CB   C N S 145 
ILE CG1  C N N 146 
ILE CG2  C N N 147 
ILE CD1  C N N 148 
ILE OXT  O N N 149 
ILE H    H N N 150 
ILE H2   H N N 151 
ILE HA   H N N 152 
ILE HB   H N N 153 
ILE HG12 H N N 154 
ILE HG13 H N N 155 
ILE HG21 H N N 156 
ILE HG22 H N N 157 
ILE HG23 H N N 158 
ILE HD11 H N N 159 
ILE HD12 H N N 160 
ILE HD13 H N N 161 
ILE HXT  H N N 162 
LEU N    N N N 163 
LEU CA   C N S 164 
LEU C    C N N 165 
LEU O    O N N 166 
LEU CB   C N N 167 
LEU CG   C N N 168 
LEU CD1  C N N 169 
LEU CD2  C N N 170 
LEU OXT  O N N 171 
LEU H    H N N 172 
LEU H2   H N N 173 
LEU HA   H N N 174 
LEU HB2  H N N 175 
LEU HB3  H N N 176 
LEU HG   H N N 177 
LEU HD11 H N N 178 
LEU HD12 H N N 179 
LEU HD13 H N N 180 
LEU HD21 H N N 181 
LEU HD22 H N N 182 
LEU HD23 H N N 183 
LEU HXT  H N N 184 
LYS N    N N N 185 
LYS CA   C N S 186 
LYS C    C N N 187 
LYS O    O N N 188 
LYS CB   C N N 189 
LYS CG   C N N 190 
LYS CD   C N N 191 
LYS CE   C N N 192 
LYS NZ   N N N 193 
LYS OXT  O N N 194 
LYS H    H N N 195 
LYS H2   H N N 196 
LYS HA   H N N 197 
LYS HB2  H N N 198 
LYS HB3  H N N 199 
LYS HG2  H N N 200 
LYS HG3  H N N 201 
LYS HD2  H N N 202 
LYS HD3  H N N 203 
LYS HE2  H N N 204 
LYS HE3  H N N 205 
LYS HZ1  H N N 206 
LYS HZ2  H N N 207 
LYS HZ3  H N N 208 
LYS HXT  H N N 209 
MET N    N N N 210 
MET CA   C N S 211 
MET C    C N N 212 
MET O    O N N 213 
MET CB   C N N 214 
MET CG   C N N 215 
MET SD   S N N 216 
MET CE   C N N 217 
MET OXT  O N N 218 
MET H    H N N 219 
MET H2   H N N 220 
MET HA   H N N 221 
MET HB2  H N N 222 
MET HB3  H N N 223 
MET HG2  H N N 224 
MET HG3  H N N 225 
MET HE1  H N N 226 
MET HE2  H N N 227 
MET HE3  H N N 228 
MET HXT  H N N 229 
PHE N    N N N 230 
PHE CA   C N S 231 
PHE C    C N N 232 
PHE O    O N N 233 
PHE CB   C N N 234 
PHE CG   C Y N 235 
PHE CD1  C Y N 236 
PHE CD2  C Y N 237 
PHE CE1  C Y N 238 
PHE CE2  C Y N 239 
PHE CZ   C Y N 240 
PHE OXT  O N N 241 
PHE H    H N N 242 
PHE H2   H N N 243 
PHE HA   H N N 244 
PHE HB2  H N N 245 
PHE HB3  H N N 246 
PHE HD1  H N N 247 
PHE HD2  H N N 248 
PHE HE1  H N N 249 
PHE HE2  H N N 250 
PHE HZ   H N N 251 
PHE HXT  H N N 252 
PRO N    N N N 253 
PRO CA   C N S 254 
PRO C    C N N 255 
PRO O    O N N 256 
PRO CB   C N N 257 
PRO CG   C N N 258 
PRO CD   C N N 259 
PRO OXT  O N N 260 
PRO H    H N N 261 
PRO HA   H N N 262 
PRO HB2  H N N 263 
PRO HB3  H N N 264 
PRO HG2  H N N 265 
PRO HG3  H N N 266 
PRO HD2  H N N 267 
PRO HD3  H N N 268 
PRO HXT  H N N 269 
SER N    N N N 270 
SER CA   C N S 271 
SER C    C N N 272 
SER O    O N N 273 
SER CB   C N N 274 
SER OG   O N N 275 
SER OXT  O N N 276 
SER H    H N N 277 
SER H2   H N N 278 
SER HA   H N N 279 
SER HB2  H N N 280 
SER HB3  H N N 281 
SER HG   H N N 282 
SER HXT  H N N 283 
THR N    N N N 284 
THR CA   C N S 285 
THR C    C N N 286 
THR O    O N N 287 
THR CB   C N R 288 
THR OG1  O N N 289 
THR CG2  C N N 290 
THR OXT  O N N 291 
THR H    H N N 292 
THR H2   H N N 293 
THR HA   H N N 294 
THR HB   H N N 295 
THR HG1  H N N 296 
THR HG21 H N N 297 
THR HG22 H N N 298 
THR HG23 H N N 299 
THR HXT  H N N 300 
TRP N    N N N 301 
TRP CA   C N S 302 
TRP C    C N N 303 
TRP O    O N N 304 
TRP CB   C N N 305 
TRP CG   C Y N 306 
TRP CD1  C Y N 307 
TRP CD2  C Y N 308 
TRP NE1  N Y N 309 
TRP CE2  C Y N 310 
TRP CE3  C Y N 311 
TRP CZ2  C Y N 312 
TRP CZ3  C Y N 313 
TRP CH2  C Y N 314 
TRP OXT  O N N 315 
TRP H    H N N 316 
TRP H2   H N N 317 
TRP HA   H N N 318 
TRP HB2  H N N 319 
TRP HB3  H N N 320 
TRP HD1  H N N 321 
TRP HE1  H N N 322 
TRP HE3  H N N 323 
TRP HZ2  H N N 324 
TRP HZ3  H N N 325 
TRP HH2  H N N 326 
TRP HXT  H N N 327 
TYR N    N N N 328 
TYR CA   C N S 329 
TYR C    C N N 330 
TYR O    O N N 331 
TYR CB   C N N 332 
TYR CG   C Y N 333 
TYR CD1  C Y N 334 
TYR CD2  C Y N 335 
TYR CE1  C Y N 336 
TYR CE2  C Y N 337 
TYR CZ   C Y N 338 
TYR OH   O N N 339 
TYR OXT  O N N 340 
TYR H    H N N 341 
TYR H2   H N N 342 
TYR HA   H N N 343 
TYR HB2  H N N 344 
TYR HB3  H N N 345 
TYR HD1  H N N 346 
TYR HD2  H N N 347 
TYR HE1  H N N 348 
TYR HE2  H N N 349 
TYR HH   H N N 350 
TYR HXT  H N N 351 
VAL N    N N N 352 
VAL CA   C N S 353 
VAL C    C N N 354 
VAL O    O N N 355 
VAL CB   C N N 356 
VAL CG1  C N N 357 
VAL CG2  C N N 358 
VAL OXT  O N N 359 
VAL H    H N N 360 
VAL H2   H N N 361 
VAL HA   H N N 362 
VAL HB   H N N 363 
VAL HG11 H N N 364 
VAL HG12 H N N 365 
VAL HG13 H N N 366 
VAL HG21 H N N 367 
VAL HG22 H N N 368 
VAL HG23 H N N 369 
VAL HXT  H N N 370 
# 
loop_
_chem_comp_bond.comp_id 
_chem_comp_bond.atom_id_1 
_chem_comp_bond.atom_id_2 
_chem_comp_bond.value_order 
_chem_comp_bond.pdbx_aromatic_flag 
_chem_comp_bond.pdbx_stereo_config 
_chem_comp_bond.pdbx_ordinal 
ALA N   CA   sing N N 1   
ALA N   H    sing N N 2   
ALA N   H2   sing N N 3   
ALA CA  C    sing N N 4   
ALA CA  CB   sing N N 5   
ALA CA  HA   sing N N 6   
ALA C   O    doub N N 7   
ALA C   OXT  sing N N 8   
ALA CB  HB1  sing N N 9   
ALA CB  HB2  sing N N 10  
ALA CB  HB3  sing N N 11  
ALA OXT HXT  sing N N 12  
ARG N   CA   sing N N 13  
ARG N   H    sing N N 14  
ARG N   H2   sing N N 15  
ARG CA  C    sing N N 16  
ARG CA  CB   sing N N 17  
ARG CA  HA   sing N N 18  
ARG C   O    doub N N 19  
ARG C   OXT  sing N N 20  
ARG CB  CG   sing N N 21  
ARG CB  HB2  sing N N 22  
ARG CB  HB3  sing N N 23  
ARG CG  CD   sing N N 24  
ARG CG  HG2  sing N N 25  
ARG CG  HG3  sing N N 26  
ARG CD  NE   sing N N 27  
ARG CD  HD2  sing N N 28  
ARG CD  HD3  sing N N 29  
ARG NE  CZ   sing N N 30  
ARG NE  HE   sing N N 31  
ARG CZ  NH1  sing N N 32  
ARG CZ  NH2  doub N N 33  
ARG NH1 HH11 sing N N 34  
ARG NH1 HH12 sing N N 35  
ARG NH2 HH21 sing N N 36  
ARG NH2 HH22 sing N N 37  
ARG OXT HXT  sing N N 38  
ASN N   CA   sing N N 39  
ASN N   H    sing N N 40  
ASN N   H2   sing N N 41  
ASN CA  C    sing N N 42  
ASN CA  CB   sing N N 43  
ASN CA  HA   sing N N 44  
ASN C   O    doub N N 45  
ASN C   OXT  sing N N 46  
ASN CB  CG   sing N N 47  
ASN CB  HB2  sing N N 48  
ASN CB  HB3  sing N N 49  
ASN CG  OD1  doub N N 50  
ASN CG  ND2  sing N N 51  
ASN ND2 HD21 sing N N 52  
ASN ND2 HD22 sing N N 53  
ASN OXT HXT  sing N N 54  
ASP N   CA   sing N N 55  
ASP N   H    sing N N 56  
ASP N   H2   sing N N 57  
ASP CA  C    sing N N 58  
ASP CA  CB   sing N N 59  
ASP CA  HA   sing N N 60  
ASP C   O    doub N N 61  
ASP C   OXT  sing N N 62  
ASP CB  CG   sing N N 63  
ASP CB  HB2  sing N N 64  
ASP CB  HB3  sing N N 65  
ASP CG  OD1  doub N N 66  
ASP CG  OD2  sing N N 67  
ASP OD2 HD2  sing N N 68  
ASP OXT HXT  sing N N 69  
CYS N   CA   sing N N 70  
CYS N   H    sing N N 71  
CYS N   H2   sing N N 72  
CYS CA  C    sing N N 73  
CYS CA  CB   sing N N 74  
CYS CA  HA   sing N N 75  
CYS C   O    doub N N 76  
CYS C   OXT  sing N N 77  
CYS CB  SG   sing N N 78  
CYS CB  HB2  sing N N 79  
CYS CB  HB3  sing N N 80  
CYS SG  HG   sing N N 81  
CYS OXT HXT  sing N N 82  
GLU N   CA   sing N N 83  
GLU N   H    sing N N 84  
GLU N   H2   sing N N 85  
GLU CA  C    sing N N 86  
GLU CA  CB   sing N N 87  
GLU CA  HA   sing N N 88  
GLU C   O    doub N N 89  
GLU C   OXT  sing N N 90  
GLU CB  CG   sing N N 91  
GLU CB  HB2  sing N N 92  
GLU CB  HB3  sing N N 93  
GLU CG  CD   sing N N 94  
GLU CG  HG2  sing N N 95  
GLU CG  HG3  sing N N 96  
GLU CD  OE1  doub N N 97  
GLU CD  OE2  sing N N 98  
GLU OE2 HE2  sing N N 99  
GLU OXT HXT  sing N N 100 
GLY N   CA   sing N N 101 
GLY N   H    sing N N 102 
GLY N   H2   sing N N 103 
GLY CA  C    sing N N 104 
GLY CA  HA2  sing N N 105 
GLY CA  HA3  sing N N 106 
GLY C   O    doub N N 107 
GLY C   OXT  sing N N 108 
GLY OXT HXT  sing N N 109 
HIS N   CA   sing N N 110 
HIS N   H    sing N N 111 
HIS N   H2   sing N N 112 
HIS CA  C    sing N N 113 
HIS CA  CB   sing N N 114 
HIS CA  HA   sing N N 115 
HIS C   O    doub N N 116 
HIS C   OXT  sing N N 117 
HIS CB  CG   sing N N 118 
HIS CB  HB2  sing N N 119 
HIS CB  HB3  sing N N 120 
HIS CG  ND1  sing Y N 121 
HIS CG  CD2  doub Y N 122 
HIS ND1 CE1  doub Y N 123 
HIS ND1 HD1  sing N N 124 
HIS CD2 NE2  sing Y N 125 
HIS CD2 HD2  sing N N 126 
HIS CE1 NE2  sing Y N 127 
HIS CE1 HE1  sing N N 128 
HIS NE2 HE2  sing N N 129 
HIS OXT HXT  sing N N 130 
HOH O   H1   sing N N 131 
HOH O   H2   sing N N 132 
ILE N   CA   sing N N 133 
ILE N   H    sing N N 134 
ILE N   H2   sing N N 135 
ILE CA  C    sing N N 136 
ILE CA  CB   sing N N 137 
ILE CA  HA   sing N N 138 
ILE C   O    doub N N 139 
ILE C   OXT  sing N N 140 
ILE CB  CG1  sing N N 141 
ILE CB  CG2  sing N N 142 
ILE CB  HB   sing N N 143 
ILE CG1 CD1  sing N N 144 
ILE CG1 HG12 sing N N 145 
ILE CG1 HG13 sing N N 146 
ILE CG2 HG21 sing N N 147 
ILE CG2 HG22 sing N N 148 
ILE CG2 HG23 sing N N 149 
ILE CD1 HD11 sing N N 150 
ILE CD1 HD12 sing N N 151 
ILE CD1 HD13 sing N N 152 
ILE OXT HXT  sing N N 153 
LEU N   CA   sing N N 154 
LEU N   H    sing N N 155 
LEU N   H2   sing N N 156 
LEU CA  C    sing N N 157 
LEU CA  CB   sing N N 158 
LEU CA  HA   sing N N 159 
LEU C   O    doub N N 160 
LEU C   OXT  sing N N 161 
LEU CB  CG   sing N N 162 
LEU CB  HB2  sing N N 163 
LEU CB  HB3  sing N N 164 
LEU CG  CD1  sing N N 165 
LEU CG  CD2  sing N N 166 
LEU CG  HG   sing N N 167 
LEU CD1 HD11 sing N N 168 
LEU CD1 HD12 sing N N 169 
LEU CD1 HD13 sing N N 170 
LEU CD2 HD21 sing N N 171 
LEU CD2 HD22 sing N N 172 
LEU CD2 HD23 sing N N 173 
LEU OXT HXT  sing N N 174 
LYS N   CA   sing N N 175 
LYS N   H    sing N N 176 
LYS N   H2   sing N N 177 
LYS CA  C    sing N N 178 
LYS CA  CB   sing N N 179 
LYS CA  HA   sing N N 180 
LYS C   O    doub N N 181 
LYS C   OXT  sing N N 182 
LYS CB  CG   sing N N 183 
LYS CB  HB2  sing N N 184 
LYS CB  HB3  sing N N 185 
LYS CG  CD   sing N N 186 
LYS CG  HG2  sing N N 187 
LYS CG  HG3  sing N N 188 
LYS CD  CE   sing N N 189 
LYS CD  HD2  sing N N 190 
LYS CD  HD3  sing N N 191 
LYS CE  NZ   sing N N 192 
LYS CE  HE2  sing N N 193 
LYS CE  HE3  sing N N 194 
LYS NZ  HZ1  sing N N 195 
LYS NZ  HZ2  sing N N 196 
LYS NZ  HZ3  sing N N 197 
LYS OXT HXT  sing N N 198 
MET N   CA   sing N N 199 
MET N   H    sing N N 200 
MET N   H2   sing N N 201 
MET CA  C    sing N N 202 
MET CA  CB   sing N N 203 
MET CA  HA   sing N N 204 
MET C   O    doub N N 205 
MET C   OXT  sing N N 206 
MET CB  CG   sing N N 207 
MET CB  HB2  sing N N 208 
MET CB  HB3  sing N N 209 
MET CG  SD   sing N N 210 
MET CG  HG2  sing N N 211 
MET CG  HG3  sing N N 212 
MET SD  CE   sing N N 213 
MET CE  HE1  sing N N 214 
MET CE  HE2  sing N N 215 
MET CE  HE3  sing N N 216 
MET OXT HXT  sing N N 217 
PHE N   CA   sing N N 218 
PHE N   H    sing N N 219 
PHE N   H2   sing N N 220 
PHE CA  C    sing N N 221 
PHE CA  CB   sing N N 222 
PHE CA  HA   sing N N 223 
PHE C   O    doub N N 224 
PHE C   OXT  sing N N 225 
PHE CB  CG   sing N N 226 
PHE CB  HB2  sing N N 227 
PHE CB  HB3  sing N N 228 
PHE CG  CD1  doub Y N 229 
PHE CG  CD2  sing Y N 230 
PHE CD1 CE1  sing Y N 231 
PHE CD1 HD1  sing N N 232 
PHE CD2 CE2  doub Y N 233 
PHE CD2 HD2  sing N N 234 
PHE CE1 CZ   doub Y N 235 
PHE CE1 HE1  sing N N 236 
PHE CE2 CZ   sing Y N 237 
PHE CE2 HE2  sing N N 238 
PHE CZ  HZ   sing N N 239 
PHE OXT HXT  sing N N 240 
PRO N   CA   sing N N 241 
PRO N   CD   sing N N 242 
PRO N   H    sing N N 243 
PRO CA  C    sing N N 244 
PRO CA  CB   sing N N 245 
PRO CA  HA   sing N N 246 
PRO C   O    doub N N 247 
PRO C   OXT  sing N N 248 
PRO CB  CG   sing N N 249 
PRO CB  HB2  sing N N 250 
PRO CB  HB3  sing N N 251 
PRO CG  CD   sing N N 252 
PRO CG  HG2  sing N N 253 
PRO CG  HG3  sing N N 254 
PRO CD  HD2  sing N N 255 
PRO CD  HD3  sing N N 256 
PRO OXT HXT  sing N N 257 
SER N   CA   sing N N 258 
SER N   H    sing N N 259 
SER N   H2   sing N N 260 
SER CA  C    sing N N 261 
SER CA  CB   sing N N 262 
SER CA  HA   sing N N 263 
SER C   O    doub N N 264 
SER C   OXT  sing N N 265 
SER CB  OG   sing N N 266 
SER CB  HB2  sing N N 267 
SER CB  HB3  sing N N 268 
SER OG  HG   sing N N 269 
SER OXT HXT  sing N N 270 
THR N   CA   sing N N 271 
THR N   H    sing N N 272 
THR N   H2   sing N N 273 
THR CA  C    sing N N 274 
THR CA  CB   sing N N 275 
THR CA  HA   sing N N 276 
THR C   O    doub N N 277 
THR C   OXT  sing N N 278 
THR CB  OG1  sing N N 279 
THR CB  CG2  sing N N 280 
THR CB  HB   sing N N 281 
THR OG1 HG1  sing N N 282 
THR CG2 HG21 sing N N 283 
THR CG2 HG22 sing N N 284 
THR CG2 HG23 sing N N 285 
THR OXT HXT  sing N N 286 
TRP N   CA   sing N N 287 
TRP N   H    sing N N 288 
TRP N   H2   sing N N 289 
TRP CA  C    sing N N 290 
TRP CA  CB   sing N N 291 
TRP CA  HA   sing N N 292 
TRP C   O    doub N N 293 
TRP C   OXT  sing N N 294 
TRP CB  CG   sing N N 295 
TRP CB  HB2  sing N N 296 
TRP CB  HB3  sing N N 297 
TRP CG  CD1  doub Y N 298 
TRP CG  CD2  sing Y N 299 
TRP CD1 NE1  sing Y N 300 
TRP CD1 HD1  sing N N 301 
TRP CD2 CE2  doub Y N 302 
TRP CD2 CE3  sing Y N 303 
TRP NE1 CE2  sing Y N 304 
TRP NE1 HE1  sing N N 305 
TRP CE2 CZ2  sing Y N 306 
TRP CE3 CZ3  doub Y N 307 
TRP CE3 HE3  sing N N 308 
TRP CZ2 CH2  doub Y N 309 
TRP CZ2 HZ2  sing N N 310 
TRP CZ3 CH2  sing Y N 311 
TRP CZ3 HZ3  sing N N 312 
TRP CH2 HH2  sing N N 313 
TRP OXT HXT  sing N N 314 
TYR N   CA   sing N N 315 
TYR N   H    sing N N 316 
TYR N   H2   sing N N 317 
TYR CA  C    sing N N 318 
TYR CA  CB   sing N N 319 
TYR CA  HA   sing N N 320 
TYR C   O    doub N N 321 
TYR C   OXT  sing N N 322 
TYR CB  CG   sing N N 323 
TYR CB  HB2  sing N N 324 
TYR CB  HB3  sing N N 325 
TYR CG  CD1  doub Y N 326 
TYR CG  CD2  sing Y N 327 
TYR CD1 CE1  sing Y N 328 
TYR CD1 HD1  sing N N 329 
TYR CD2 CE2  doub Y N 330 
TYR CD2 HD2  sing N N 331 
TYR CE1 CZ   doub Y N 332 
TYR CE1 HE1  sing N N 333 
TYR CE2 CZ   sing Y N 334 
TYR CE2 HE2  sing N N 335 
TYR CZ  OH   sing N N 336 
TYR OH  HH   sing N N 337 
TYR OXT HXT  sing N N 338 
VAL N   CA   sing N N 339 
VAL N   H    sing N N 340 
VAL N   H2   sing N N 341 
VAL CA  C    sing N N 342 
VAL CA  CB   sing N N 343 
VAL CA  HA   sing N N 344 
VAL C   O    doub N N 345 
VAL C   OXT  sing N N 346 
VAL CB  CG1  sing N N 347 
VAL CB  CG2  sing N N 348 
VAL CB  HB   sing N N 349 
VAL CG1 HG11 sing N N 350 
VAL CG1 HG12 sing N N 351 
VAL CG1 HG13 sing N N 352 
VAL CG2 HG21 sing N N 353 
VAL CG2 HG22 sing N N 354 
VAL CG2 HG23 sing N N 355 
VAL OXT HXT  sing N N 356 
# 
loop_
_pdbx_audit_support.funding_organization 
_pdbx_audit_support.country 
_pdbx_audit_support.grant_number 
_pdbx_audit_support.ordinal 
'National Institutes of Health/National Institute of General Medical Sciences (NIH/NIGMS)' 'United States' 'R01 GM120569'  1 
'National Institutes of Health/National Institute on Drug Abuse (NIH/NIDA)'                'United States' 'R21 DA043680'  2 
'National Institutes of Health/National Eye Institute (NIH/NEI)'                           'United States' 'R01 EY011500'  3 
'National Institutes of Health/National Institute of General Medical Sciences (NIH/NIGMS)' 'United States' 'R35 GM122491'  4 
'National Institutes of Health/National Institute of General Medical Sciences (NIH/NIGMS)' 'United States' 2T32GM008320-31 5 
# 
_pdbx_entity_nonpoly.entity_id   2 
_pdbx_entity_nonpoly.name        water 
_pdbx_entity_nonpoly.comp_id     HOH 
# 
_pdbx_initial_refinement_model.id               1 
_pdbx_initial_refinement_model.entity_id_list   ? 
_pdbx_initial_refinement_model.type             'experimental model' 
_pdbx_initial_refinement_model.source_name      PDB 
_pdbx_initial_refinement_model.accession_code   2HDA 
_pdbx_initial_refinement_model.details          ? 
# 
_pdbx_struct_assembly_auth_evidence.id                     1 
_pdbx_struct_assembly_auth_evidence.assembly_id            1 
_pdbx_struct_assembly_auth_evidence.experimental_support   none 
_pdbx_struct_assembly_auth_evidence.details                ? 
# 
